data_7PII
#
_entry.id   7PII
#
_cell.length_a   1.00
_cell.length_b   1.00
_cell.length_c   1.00
_cell.angle_alpha   90.00
_cell.angle_beta   90.00
_cell.angle_gamma   90.00
#
_symmetry.space_group_name_H-M   'P 1'
#
loop_
_entity.id
_entity.type
_entity.pdbx_description
1 polymer 'Histone H3-like centromeric protein A'
2 polymer 'Histone H4'
3 polymer 'Histone H2A type 1-C'
4 polymer 'Histone H2B type 1-C/E/F/G/I'
5 polymer 'DNA (122-MER)'
6 polymer 'DNA (123-MER)'
7 polymer 'Centromere protein C'
#
loop_
_entity_poly.entity_id
_entity_poly.type
_entity_poly.pdbx_seq_one_letter_code
_entity_poly.pdbx_strand_id
1 'polypeptide(L)'
;MGPRRRSRKPEAPRRRSPSPTPTPGPSRRGPSLGASSHQHSRRRQGWLKEIRKLQKSTHLLIRKLPFSRLAREICVKFTR
GVDFNWQAQALLALQEAAEAFLVHLFEDAYLLTLHAGRVTLFPKDVQLARRIRGLEEGLG
;
A,E
2 'polypeptide(L)'
;MSGRGKGGKGLGKGGAKRHRKVLRDNIQGITKPAIRRLARRGGVKRISGLIYEETRGVLKVFLENVIRDAVTYTEHAKRK
TVTAMDVVYALKRQGRTLYGFGG
;
B,F
3 'polypeptide(L)'
;MGSSHHHHHHSPGLEVLFQGPRGMSGRGKQGGKARAKAKSRSSRAGLQFPVGRVHRLLRKGNYAERVGAGAPVYLAAVLE
YLTAEILELAGNAARDNKKTRIIPRHLQLAIRNDEELNKLLGRVTIAQGGVLPNIQAVLLPKKTESHHKAKGK
;
C,G
4 'polypeptide(L)'
;MPEPAKSAPAPKKGSKKAVTKAQKKDGKKRKRSRKESYSVYVYKVLKQVHPDTGISSKAMGIMNSFVNDIFERIAGEASR
LAHYNKRSTITSREIQTAVRLLLPGELAKHAVSEGTKAVTKYTSSK
;
D,H
5 'polydeoxyribonucleotide'
;(DC)(DT)(DA)(DC)(DA)(DA)(DA)(DA)(DA)(DG)(DA)(DG)(DT)(DG)(DT)(DT)(DT)(DC)(DA)(DA)
(DA)(DA)(DC)(DT)(DG)(DC)(DT)(DC)(DT)(DA)(DT)(DC)(DA)(DA)(DA)(DA)(DG)(DG)(DA)(DA)
(DT)(DG)(DT)(DT)(DC)(DA)(DA)(DC)(DT)(DC)(DT)(DG)(DT)(DG)(DA)(DG)(DT)(DT)(DG)(DA)
(DA)(DT)(DG)(DC)(DA)(DA)(DT)(DC)(DA)(DT)(DC)(DA)(DC)(DA)(DA)(DA)(DG)(DA)(DA)(DG)
(DT)(DT)(DT)(DC)(DT)(DG)(DA)(DG)(DA)(DA)(DT)(DG)(DC)(DT)(DT)(DC)(DT)(DG)(DT)(DT)
(DT)(DA)(DG)(DT)(DT)(DT)(DT)(DT)(DA)(DT)(DG)(DT)(DG)(DA)(DA)(DG)(DA)(DT)(DA)(DT)
(DT)(DC)(DC)(DC)(DG)(DT)(DT)(DT)(DC)(DC)(DA)(DA)(DC)(DG)(DA)(DA)(DG)(DG)(DC)(DC)
(DT)(DC)(DA)(DA)(DA)(DG)(DC)(DG)(DG)(DT)(DC)(DC)(DA)(DA)(DA)(DT)(DA)(DT)(DC)(DC)
(DA)(DC)(DT)(DT)(DG)(DC)(DA)(DG)(DA)(DT)(DT)
;
I
6 'polydeoxyribonucleotide'
;(DA)(DA)(DT)(DC)(DT)(DG)(DC)(DA)(DA)(DG)(DT)(DG)(DG)(DA)(DT)(DA)(DT)(DT)(DT)(DG)
(DG)(DA)(DC)(DC)(DG)(DC)(DT)(DT)(DT)(DG)(DA)(DG)(DG)(DC)(DC)(DT)(DT)(DC)(DG)(DT)
(DT)(DG)(DG)(DA)(DA)(DA)(DC)(DG)(DG)(DG)(DA)(DA)(DT)(DA)(DT)(DC)(DT)(DT)(DC)(DA)
(DC)(DA)(DT)(DA)(DA)(DA)(DA)(DA)(DC)(DT)(DA)(DA)(DA)(DC)(DA)(DG)(DA)(DA)(DG)(DC)
(DA)(DT)(DT)(DC)(DT)(DC)(DA)(DG)(DA)(DA)(DA)(DC)(DT)(DT)(DC)(DT)(DT)(DT)(DG)(DT)
(DG)(DA)(DT)(DG)(DA)(DT)(DT)(DG)(DC)(DA)(DT)(DT)(DC)(DA)(DA)(DC)(DT)(DC)(DA)(DC)
(DA)(DG)(DA)(DG)(DT)(DT)(DG)(DA)(DA)(DC)(DA)(DT)(DT)(DC)(DC)(DT)(DT)(DT)(DT)(DG)
(DA)(DT)(DA)(DG)(DA)(DG)(DC)(DA)(DG)(DT)(DT)(DT)(DT)(DG)(DA)(DA)(DA)(DC)(DA)(DC)
(DT)(DC)(DT)(DT)(DT)(DT)(DT)(DG)(DT)(DA)(DG)
;
J
7 'polypeptide(L)'
;MAASGLDHLKNGYRRRFCRPSRARDINTEQGQNVLEILQDCFEEKSLANDFSTNSTKSVPNSTRKIKDTCIQSPSKECQK
SHPKSVPVSSKKKEASLQFVVEPSEATNRSVQAHEVHQKILATDVSSKNTPDSKKISSRNINDHHSEADEEFYLSVGSPS
VLLDAKTSVSQNVIPSSAQKRETYTFENSVNMLPSSTEVSVKTKKRLNFDDKVMLKKIEIDNKVSDEEDKTSEGQERKPS
GSSQNRIRDSEYEIQRQAKKSFSTLFLETVKRKSESSPIVRHAATAPPHSCPPDDTKLIEDEFIIDESDQSFASRSWITI
PRKAGSLKQRTISPAESTALLQGRKSREKHHNILPKTLANDKHSHKPHPVETSQPSDKTVLDTSYALIGETVNNYRSTKY
EMYSKNAEKPSRSKRTIKQKQRRKFMAKPAEEQLDVGQSKDENIHTSHITQDEFQRNSDRNMEEHEEMGNDCVSKKQMPP
VGSKKSSTRKDKEESKKKRFSSESKNKLVPEEVTSTVTKSRRISRRPSDWWVVKSEESPVYSNSS
;
K,L
#
# COMPACT_ATOMS: atom_id res chain seq x y z
N SER A 41 -1.65 -48.45 -12.43
CA SER A 41 -0.51 -47.56 -12.22
C SER A 41 -0.07 -47.60 -10.75
N ARG A 42 0.86 -46.71 -10.39
CA ARG A 42 1.32 -46.60 -9.01
C ARG A 42 0.34 -45.79 -8.17
N ARG A 43 -0.03 -44.61 -8.66
CA ARG A 43 -1.00 -43.76 -8.00
C ARG A 43 -1.62 -42.86 -9.05
N ARG A 44 -2.93 -42.99 -9.27
CA ARG A 44 -3.58 -42.22 -10.31
C ARG A 44 -3.41 -40.72 -10.08
N GLN A 45 -4.02 -40.21 -9.01
CA GLN A 45 -3.89 -38.80 -8.63
C GLN A 45 -3.60 -38.76 -7.14
N GLY A 46 -2.33 -38.91 -6.77
CA GLY A 46 -1.96 -38.84 -5.38
C GLY A 46 -1.77 -37.39 -4.97
N TRP A 47 -1.23 -36.61 -5.90
CA TRP A 47 -1.07 -35.18 -5.65
C TRP A 47 -2.41 -34.48 -5.56
N LEU A 48 -3.40 -34.94 -6.33
CA LEU A 48 -4.69 -34.26 -6.33
C LEU A 48 -5.40 -34.43 -5.00
N LYS A 49 -5.33 -35.62 -4.41
CA LYS A 49 -5.87 -35.82 -3.08
C LYS A 49 -5.19 -34.90 -2.08
N GLU A 50 -3.86 -34.79 -2.17
CA GLU A 50 -3.11 -33.95 -1.26
C GLU A 50 -3.52 -32.49 -1.39
N ILE A 51 -3.64 -32.00 -2.62
CA ILE A 51 -4.06 -30.62 -2.83
C ILE A 51 -5.45 -30.40 -2.27
N ARG A 52 -6.38 -31.27 -2.62
CA ARG A 52 -7.75 -31.08 -2.20
C ARG A 52 -7.90 -31.18 -0.69
N LYS A 53 -7.01 -31.92 -0.04
CA LYS A 53 -7.09 -31.99 1.42
C LYS A 53 -6.45 -30.79 2.07
N LEU A 54 -5.32 -30.32 1.53
CA LEU A 54 -4.64 -29.18 2.11
C LEU A 54 -5.42 -27.89 1.91
N GLN A 55 -6.15 -27.77 0.82
CA GLN A 55 -6.88 -26.55 0.55
C GLN A 55 -8.19 -26.45 1.31
N LYS A 56 -8.48 -27.40 2.19
CA LYS A 56 -9.62 -27.27 3.08
C LYS A 56 -9.24 -27.29 4.54
N SER A 57 -7.97 -27.52 4.87
CA SER A 57 -7.48 -27.42 6.22
C SER A 57 -6.89 -26.03 6.47
N THR A 58 -6.73 -25.69 7.74
CA THR A 58 -6.23 -24.38 8.10
C THR A 58 -5.04 -24.41 9.04
N HIS A 59 -4.56 -25.59 9.43
CA HIS A 59 -3.44 -25.66 10.34
C HIS A 59 -2.15 -25.21 9.65
N LEU A 60 -1.19 -24.79 10.46
CA LEU A 60 0.10 -24.40 9.94
C LEU A 60 0.82 -25.62 9.38
N LEU A 61 1.64 -25.38 8.36
CA LEU A 61 2.30 -26.46 7.65
C LEU A 61 3.78 -26.57 7.97
N ILE A 62 4.37 -25.59 8.58
CA ILE A 62 5.74 -25.67 9.04
C ILE A 62 5.73 -26.01 10.52
N ARG A 63 6.80 -26.64 10.99
CA ARG A 63 6.86 -27.09 12.36
C ARG A 63 7.28 -25.96 13.29
N LYS A 64 6.63 -25.89 14.45
CA LYS A 64 6.80 -24.77 15.36
C LYS A 64 8.25 -24.62 15.78
N LEU A 65 8.88 -25.72 16.20
CA LEU A 65 10.23 -25.60 16.74
C LEU A 65 11.24 -25.22 15.68
N PRO A 66 11.28 -25.82 14.50
CA PRO A 66 12.21 -25.33 13.48
C PRO A 66 11.95 -23.90 13.10
N PHE A 67 10.68 -23.51 12.95
CA PHE A 67 10.41 -22.13 12.60
C PHE A 67 10.92 -21.18 13.66
N SER A 68 10.69 -21.50 14.94
CA SER A 68 11.10 -20.60 16.00
C SER A 68 12.61 -20.54 16.09
N ARG A 69 13.30 -21.66 15.86
CA ARG A 69 14.75 -21.63 15.83
C ARG A 69 15.25 -20.68 14.75
N LEU A 70 14.68 -20.80 13.54
CA LEU A 70 15.11 -19.92 12.45
C LEU A 70 14.82 -18.46 12.78
N ALA A 71 13.63 -18.18 13.30
CA ALA A 71 13.27 -16.80 13.61
C ALA A 71 14.20 -16.23 14.67
N ARG A 72 14.50 -17.00 15.71
CA ARG A 72 15.40 -16.49 16.73
C ARG A 72 16.80 -16.30 16.21
N GLU A 73 17.26 -17.16 15.31
CA GLU A 73 18.57 -16.97 14.70
C GLU A 73 18.64 -15.64 13.96
N ILE A 74 17.61 -15.35 13.16
CA ILE A 74 17.58 -14.09 12.44
C ILE A 74 17.53 -12.92 13.41
N CYS A 75 16.74 -13.05 14.46
CA CYS A 75 16.59 -11.95 15.42
C CYS A 75 17.91 -11.63 16.09
N VAL A 76 18.68 -12.65 16.48
CA VAL A 76 19.98 -12.37 17.08
C VAL A 76 20.96 -11.86 16.06
N LYS A 77 20.81 -12.24 14.80
CA LYS A 77 21.68 -11.68 13.76
C LYS A 77 21.44 -10.18 13.62
N PHE A 78 20.22 -9.75 13.96
CA PHE A 78 19.89 -8.29 13.90
C PHE A 78 20.38 -7.58 15.17
N THR A 79 20.20 -8.19 16.34
CA THR A 79 20.58 -7.51 17.61
C THR A 79 22.03 -7.87 17.99
N ARG A 80 22.92 -6.89 17.95
CA ARG A 80 24.34 -7.11 18.32
C ARG A 80 24.43 -7.52 19.80
N GLY A 81 23.59 -6.94 20.66
CA GLY A 81 23.67 -7.22 22.11
C GLY A 81 22.94 -8.46 22.56
N VAL A 82 22.15 -8.37 23.64
CA VAL A 82 21.48 -9.52 24.21
C VAL A 82 20.17 -9.77 23.47
N ASP A 83 19.91 -11.04 23.18
CA ASP A 83 18.74 -11.40 22.38
C ASP A 83 17.46 -11.03 23.11
N PHE A 84 16.40 -10.84 22.33
CA PHE A 84 15.10 -10.60 22.89
C PHE A 84 14.40 -11.91 23.18
N ASN A 85 13.46 -11.89 24.11
CA ASN A 85 12.55 -13.01 24.26
C ASN A 85 11.42 -12.89 23.24
N TRP A 86 10.69 -13.97 23.07
CA TRP A 86 9.62 -14.02 22.09
C TRP A 86 8.37 -14.58 22.75
N GLN A 87 7.29 -13.80 22.74
CA GLN A 87 6.02 -14.37 23.12
C GLN A 87 5.65 -15.50 22.20
N ALA A 88 5.04 -16.53 22.77
CA ALA A 88 4.53 -17.62 21.95
C ALA A 88 3.59 -17.08 20.88
N GLN A 89 2.75 -16.12 21.24
CA GLN A 89 1.87 -15.51 20.27
C GLN A 89 2.64 -14.73 19.22
N ALA A 90 3.76 -14.12 19.59
CA ALA A 90 4.57 -13.42 18.60
C ALA A 90 5.08 -14.38 17.54
N LEU A 91 5.65 -15.51 17.98
CA LEU A 91 6.14 -16.47 17.01
C LEU A 91 5.00 -17.08 16.21
N LEU A 92 3.85 -17.24 16.84
CA LEU A 92 2.71 -17.77 16.12
C LEU A 92 2.24 -16.84 15.03
N ALA A 93 2.14 -15.54 15.34
CA ALA A 93 1.73 -14.57 14.33
C ALA A 93 2.74 -14.47 13.22
N LEU A 94 4.02 -14.51 13.57
CA LEU A 94 5.05 -14.51 12.54
C LEU A 94 4.89 -15.70 11.61
N GLN A 95 4.63 -16.88 12.16
CA GLN A 95 4.51 -18.06 11.30
C GLN A 95 3.25 -17.98 10.44
N GLU A 96 2.15 -17.49 11.01
CA GLU A 96 0.92 -17.33 10.22
C GLU A 96 1.17 -16.42 9.04
N ALA A 97 1.78 -15.26 9.28
CA ALA A 97 2.04 -14.33 8.20
C ALA A 97 2.97 -14.94 7.17
N ALA A 98 4.04 -15.60 7.61
CA ALA A 98 5.00 -16.15 6.66
C ALA A 98 4.35 -17.21 5.79
N GLU A 99 3.52 -18.06 6.38
CA GLU A 99 2.91 -19.13 5.59
C GLU A 99 1.87 -18.58 4.62
N ALA A 100 1.08 -17.60 5.06
CA ALA A 100 0.15 -16.98 4.13
C ALA A 100 0.89 -16.35 2.96
N PHE A 101 2.00 -15.66 3.26
CA PHE A 101 2.79 -15.04 2.20
C PHE A 101 3.29 -16.09 1.21
N LEU A 102 3.85 -17.18 1.72
CA LEU A 102 4.41 -18.19 0.83
C LEU A 102 3.34 -18.88 0.00
N VAL A 103 2.18 -19.14 0.59
CA VAL A 103 1.11 -19.78 -0.15
C VAL A 103 0.64 -18.87 -1.27
N HIS A 104 0.43 -17.59 -0.98
CA HIS A 104 -0.01 -16.68 -2.03
C HIS A 104 1.06 -16.55 -3.10
N LEU A 105 2.33 -16.57 -2.72
CA LEU A 105 3.39 -16.48 -3.71
C LEU A 105 3.42 -17.70 -4.59
N PHE A 106 3.18 -18.89 -4.03
CA PHE A 106 3.12 -20.09 -4.86
C PHE A 106 1.95 -20.03 -5.82
N GLU A 107 0.79 -19.54 -5.36
CA GLU A 107 -0.34 -19.40 -6.26
C GLU A 107 0.01 -18.46 -7.41
N ASP A 108 0.67 -17.34 -7.11
CA ASP A 108 1.00 -16.41 -8.18
C ASP A 108 2.03 -16.99 -9.12
N ALA A 109 2.99 -17.75 -8.61
CA ALA A 109 4.04 -18.29 -9.45
C ALA A 109 3.52 -19.41 -10.33
N TYR A 110 2.55 -20.18 -9.86
CA TYR A 110 2.01 -21.24 -10.70
C TYR A 110 1.28 -20.69 -11.90
N LEU A 111 0.72 -19.49 -11.80
CA LEU A 111 0.12 -18.87 -12.97
C LEU A 111 1.15 -18.60 -14.04
N LEU A 112 2.34 -18.17 -13.64
CA LEU A 112 3.41 -17.99 -14.61
C LEU A 112 3.89 -19.32 -15.14
N THR A 113 3.85 -20.36 -14.31
CA THR A 113 4.18 -21.70 -14.82
C THR A 113 3.24 -22.10 -15.94
N LEU A 114 1.93 -22.08 -15.67
CA LEU A 114 0.97 -22.42 -16.70
C LEU A 114 1.05 -21.47 -17.88
N HIS A 115 1.42 -20.22 -17.63
CA HIS A 115 1.59 -19.27 -18.70
C HIS A 115 2.65 -19.71 -19.69
N ALA A 116 3.72 -20.34 -19.21
CA ALA A 116 4.77 -20.84 -20.06
C ALA A 116 4.45 -22.21 -20.64
N GLY A 117 3.22 -22.68 -20.47
CA GLY A 117 2.85 -23.97 -20.99
C GLY A 117 3.50 -25.14 -20.28
N ARG A 118 3.80 -24.99 -19.01
CA ARG A 118 4.38 -26.06 -18.22
C ARG A 118 3.42 -26.47 -17.12
N VAL A 119 3.82 -27.44 -16.33
CA VAL A 119 3.13 -27.77 -15.09
C VAL A 119 4.09 -27.91 -13.92
N THR A 120 5.38 -27.79 -14.15
CA THR A 120 6.38 -27.87 -13.09
C THR A 120 6.78 -26.46 -12.69
N LEU A 121 6.69 -26.17 -11.40
CA LEU A 121 7.08 -24.88 -10.90
C LEU A 121 8.59 -24.74 -10.91
N PHE A 122 9.10 -23.79 -11.65
CA PHE A 122 10.53 -23.55 -11.70
C PHE A 122 10.90 -22.36 -10.83
N PRO A 123 12.15 -22.27 -10.39
CA PRO A 123 12.57 -21.09 -9.63
C PRO A 123 12.42 -19.80 -10.41
N LYS A 124 12.58 -19.84 -11.74
CA LYS A 124 12.41 -18.62 -12.52
C LYS A 124 10.98 -18.11 -12.43
N ASP A 125 10.01 -19.00 -12.23
CA ASP A 125 8.64 -18.57 -12.05
C ASP A 125 8.48 -17.79 -10.76
N VAL A 126 9.03 -18.30 -9.67
CA VAL A 126 8.96 -17.59 -8.41
C VAL A 126 9.67 -16.25 -8.51
N GLN A 127 10.83 -16.24 -9.16
CA GLN A 127 11.58 -14.99 -9.29
C GLN A 127 10.79 -13.97 -10.08
N LEU A 128 10.15 -14.39 -11.16
CA LEU A 128 9.39 -13.44 -11.95
C LEU A 128 8.16 -12.96 -11.20
N ALA A 129 7.51 -13.84 -10.46
CA ALA A 129 6.35 -13.42 -9.68
C ALA A 129 6.75 -12.40 -8.64
N ARG A 130 7.91 -12.58 -8.01
CA ARG A 130 8.40 -11.58 -7.09
C ARG A 130 8.69 -10.27 -7.80
N ARG A 131 9.29 -10.35 -8.98
CA ARG A 131 9.68 -9.14 -9.69
C ARG A 131 8.46 -8.34 -10.13
N ILE A 132 7.39 -9.01 -10.53
CA ILE A 132 6.21 -8.31 -11.00
C ILE A 132 5.41 -7.75 -9.83
N ARG A 133 5.38 -8.44 -8.70
CA ARG A 133 4.66 -7.93 -7.55
C ARG A 133 5.23 -6.60 -7.07
N GLY A 134 6.50 -6.34 -7.33
CA GLY A 134 7.10 -5.08 -7.00
C GLY A 134 8.04 -5.19 -5.80
N LEU A 135 8.53 -4.04 -5.38
CA LEU A 135 9.48 -4.00 -4.27
C LEU A 135 8.79 -4.33 -2.96
N GLU A 136 7.57 -3.83 -2.77
CA GLU A 136 6.88 -4.05 -1.50
C GLU A 136 6.31 -5.46 -1.43
N GLU A 137 5.41 -5.80 -2.37
CA GLU A 137 4.75 -7.08 -2.32
C GLU A 137 5.65 -8.24 -2.71
N GLY A 138 6.82 -7.97 -3.28
CA GLY A 138 7.69 -9.04 -3.71
C GLY A 138 9.04 -9.01 -3.03
N LEU A 139 9.20 -8.14 -2.04
CA LEU A 139 10.44 -8.01 -1.28
C LEU A 139 11.64 -7.71 -2.15
N ASP B 25 21.75 -24.46 10.78
CA ASP B 25 20.84 -25.31 9.96
C ASP B 25 19.38 -24.95 10.27
N ASN B 26 19.16 -23.79 10.89
CA ASN B 26 17.78 -23.33 11.22
C ASN B 26 17.00 -23.09 9.93
N ILE B 27 17.68 -22.61 8.87
CA ILE B 27 17.01 -22.41 7.55
C ILE B 27 16.75 -23.79 6.94
N GLN B 28 17.60 -24.77 7.22
CA GLN B 28 17.39 -26.15 6.74
C GLN B 28 16.27 -26.79 7.57
N GLY B 29 15.87 -26.13 8.66
CA GLY B 29 14.75 -26.65 9.49
C GLY B 29 13.50 -26.73 8.64
N ILE B 30 13.28 -25.76 7.74
CA ILE B 30 12.14 -25.88 6.79
C ILE B 30 12.44 -27.09 5.92
N THR B 31 11.63 -28.16 6.01
CA THR B 31 11.93 -29.39 5.32
C THR B 31 11.27 -29.45 3.96
N LYS B 32 11.84 -30.29 3.11
CA LYS B 32 11.27 -30.56 1.79
C LYS B 32 9.79 -30.90 1.85
N PRO B 33 9.31 -31.78 2.72
CA PRO B 33 7.87 -32.04 2.74
C PRO B 33 7.05 -30.85 3.21
N ALA B 34 7.59 -30.00 4.09
CA ALA B 34 6.84 -28.82 4.50
C ALA B 34 6.68 -27.86 3.34
N ILE B 35 7.77 -27.60 2.62
CA ILE B 35 7.68 -26.75 1.44
C ILE B 35 6.74 -27.34 0.42
N ARG B 36 6.76 -28.66 0.28
CA ARG B 36 5.84 -29.31 -0.66
C ARG B 36 4.40 -29.11 -0.23
N ARG B 37 4.12 -29.20 1.06
CA ARG B 37 2.76 -28.97 1.53
C ARG B 37 2.34 -27.54 1.28
N LEU B 38 3.26 -26.59 1.45
CA LEU B 38 2.94 -25.21 1.15
C LEU B 38 2.57 -25.04 -0.31
N ALA B 39 3.37 -25.62 -1.20
CA ALA B 39 3.08 -25.51 -2.62
C ALA B 39 1.78 -26.20 -2.98
N ARG B 40 1.47 -27.31 -2.33
CA ARG B 40 0.22 -28.01 -2.64
C ARG B 40 -0.98 -27.21 -2.17
N ARG B 41 -0.92 -26.62 -0.97
CA ARG B 41 -1.98 -25.73 -0.56
C ARG B 41 -2.10 -24.56 -1.54
N GLY B 42 -0.98 -24.11 -2.08
CA GLY B 42 -1.01 -23.11 -3.13
C GLY B 42 -1.55 -23.63 -4.44
N GLY B 43 -1.68 -24.94 -4.58
CA GLY B 43 -2.27 -25.52 -5.77
C GLY B 43 -1.30 -26.02 -6.80
N VAL B 44 -0.03 -26.14 -6.47
CA VAL B 44 0.98 -26.58 -7.42
C VAL B 44 0.91 -28.09 -7.56
N LYS B 45 0.95 -28.58 -8.79
CA LYS B 45 0.91 -30.02 -9.04
C LYS B 45 2.30 -30.63 -9.00
N ARG B 46 3.23 -30.07 -9.76
CA ARG B 46 4.58 -30.61 -9.88
C ARG B 46 5.57 -29.54 -9.46
N ILE B 47 6.59 -29.92 -8.71
CA ILE B 47 7.52 -28.98 -8.11
C ILE B 47 8.93 -29.36 -8.51
N SER B 48 9.68 -28.40 -9.02
CA SER B 48 11.07 -28.65 -9.37
C SER B 48 11.88 -28.95 -8.11
N GLY B 49 13.15 -29.25 -8.30
CA GLY B 49 14.00 -29.59 -7.19
C GLY B 49 14.68 -28.40 -6.57
N LEU B 50 14.92 -27.36 -7.37
CA LEU B 50 15.53 -26.14 -6.87
C LEU B 50 14.54 -25.24 -6.15
N ILE B 51 13.25 -25.55 -6.26
CA ILE B 51 12.23 -24.76 -5.58
C ILE B 51 12.49 -24.74 -4.09
N TYR B 52 13.11 -25.77 -3.55
CA TYR B 52 13.29 -25.84 -2.11
C TYR B 52 14.30 -24.80 -1.63
N GLU B 53 15.45 -24.71 -2.31
CA GLU B 53 16.39 -23.67 -1.96
C GLU B 53 15.81 -22.29 -2.24
N GLU B 54 15.09 -22.15 -3.35
CA GLU B 54 14.47 -20.86 -3.65
C GLU B 54 13.51 -20.45 -2.53
N THR B 55 12.69 -21.38 -2.06
CA THR B 55 11.69 -21.06 -1.05
C THR B 55 12.36 -20.75 0.28
N ARG B 56 13.43 -21.46 0.61
CA ARG B 56 14.14 -21.13 1.84
C ARG B 56 14.70 -19.72 1.77
N GLY B 57 15.28 -19.34 0.63
CA GLY B 57 15.78 -17.99 0.50
C GLY B 57 14.68 -16.95 0.61
N VAL B 58 13.55 -17.21 -0.04
CA VAL B 58 12.46 -16.25 0.00
C VAL B 58 11.91 -16.11 1.41
N LEU B 59 11.74 -17.21 2.11
CA LEU B 59 11.24 -17.15 3.47
C LEU B 59 12.21 -16.41 4.37
N LYS B 60 13.50 -16.62 4.20
CA LYS B 60 14.47 -15.90 5.00
C LYS B 60 14.39 -14.40 4.73
N VAL B 61 14.23 -14.02 3.46
CA VAL B 61 14.12 -12.59 3.15
C VAL B 61 12.87 -12.01 3.77
N PHE B 62 11.75 -12.72 3.68
CA PHE B 62 10.52 -12.22 4.30
C PHE B 62 10.69 -12.06 5.80
N LEU B 63 11.29 -13.04 6.45
CA LEU B 63 11.43 -12.98 7.90
C LEU B 63 12.35 -11.85 8.32
N GLU B 64 13.42 -11.60 7.56
CA GLU B 64 14.33 -10.53 7.94
C GLU B 64 13.61 -9.19 7.97
N ASN B 65 12.72 -8.94 7.02
CA ASN B 65 12.04 -7.66 6.96
C ASN B 65 11.11 -7.48 8.13
N VAL B 66 10.33 -8.51 8.46
CA VAL B 66 9.36 -8.36 9.54
C VAL B 66 10.05 -8.32 10.89
N ILE B 67 11.05 -9.17 11.09
CA ILE B 67 11.71 -9.24 12.38
C ILE B 67 12.45 -7.95 12.68
N ARG B 68 13.04 -7.33 11.65
CA ARG B 68 13.73 -6.07 11.85
C ARG B 68 12.78 -5.02 12.42
N ASP B 69 11.62 -4.85 11.78
CA ASP B 69 10.68 -3.85 12.26
C ASP B 69 10.10 -4.24 13.61
N ALA B 70 9.88 -5.54 13.83
CA ALA B 70 9.32 -5.97 15.11
C ALA B 70 10.25 -5.63 16.26
N VAL B 71 11.55 -5.93 16.10
CA VAL B 71 12.47 -5.59 17.15
C VAL B 71 12.70 -4.09 17.22
N THR B 72 12.47 -3.35 16.14
CA THR B 72 12.52 -1.89 16.25
C THR B 72 11.42 -1.38 17.16
N TYR B 73 10.20 -1.87 16.96
CA TYR B 73 9.11 -1.52 17.86
C TYR B 73 9.42 -1.93 19.29
N THR B 74 9.95 -3.14 19.46
CA THR B 74 10.24 -3.65 20.78
C THR B 74 11.33 -2.82 21.47
N GLU B 75 12.29 -2.32 20.70
CA GLU B 75 13.31 -1.46 21.27
C GLU B 75 12.79 -0.08 21.57
N HIS B 76 11.83 0.41 20.78
CA HIS B 76 11.28 1.72 21.09
C HIS B 76 10.51 1.68 22.39
N ALA B 77 9.62 0.72 22.55
CA ALA B 77 9.24 0.40 23.91
C ALA B 77 10.48 -0.06 24.65
N LYS B 78 10.53 0.15 25.94
CA LYS B 78 11.74 -0.26 26.64
C LYS B 78 11.60 -1.69 27.13
N ARG B 79 11.39 -2.58 26.17
CA ARG B 79 11.09 -3.97 26.46
C ARG B 79 12.21 -4.86 25.92
N LYS B 80 12.21 -6.09 26.40
CA LYS B 80 13.15 -7.10 25.93
C LYS B 80 12.46 -8.32 25.36
N THR B 81 11.14 -8.36 25.38
CA THR B 81 10.40 -9.43 24.76
C THR B 81 9.66 -8.90 23.54
N VAL B 82 9.61 -9.71 22.51
CA VAL B 82 8.88 -9.35 21.30
C VAL B 82 7.45 -9.81 21.45
N THR B 83 6.51 -8.95 21.08
CA THR B 83 5.11 -9.17 21.35
C THR B 83 4.34 -9.42 20.06
N ALA B 84 3.20 -10.10 20.21
CA ALA B 84 2.31 -10.28 19.09
C ALA B 84 1.94 -8.93 18.47
N MET B 85 1.76 -7.91 19.29
CA MET B 85 1.44 -6.59 18.74
C MET B 85 2.62 -6.00 18.01
N ASP B 86 3.85 -6.27 18.45
CA ASP B 86 5.00 -5.79 17.70
C ASP B 86 5.05 -6.42 16.32
N VAL B 87 4.79 -7.72 16.24
CA VAL B 87 4.77 -8.37 14.94
C VAL B 87 3.63 -7.82 14.10
N VAL B 88 2.48 -7.60 14.71
CA VAL B 88 1.32 -7.10 13.96
C VAL B 88 1.61 -5.72 13.41
N TYR B 89 2.26 -4.86 14.21
CA TYR B 89 2.60 -3.52 13.73
C TYR B 89 3.62 -3.58 12.61
N ALA B 90 4.62 -4.45 12.75
CA ALA B 90 5.59 -4.60 11.67
C ALA B 90 4.90 -4.98 10.37
N LEU B 91 4.02 -5.97 10.44
CA LEU B 91 3.32 -6.40 9.25
C LEU B 91 2.45 -5.29 8.69
N LYS B 92 1.79 -4.52 9.51
CA LYS B 92 0.86 -3.48 8.99
C LYS B 92 1.67 -2.40 8.28
N ARG B 93 2.82 -2.02 8.85
CA ARG B 93 3.64 -0.94 8.23
C ARG B 93 4.21 -1.45 6.90
N GLN B 94 4.41 -2.77 6.77
CA GLN B 94 4.86 -3.34 5.49
C GLN B 94 3.66 -3.61 4.62
N GLY B 95 2.46 -3.32 5.10
CA GLY B 95 1.34 -3.43 4.20
C GLY B 95 0.66 -4.77 4.19
N ARG B 96 0.78 -5.55 5.26
CA ARG B 96 0.18 -6.88 5.35
C ARG B 96 -0.58 -6.95 6.67
N THR B 97 -1.81 -6.47 6.68
CA THR B 97 -2.58 -6.50 7.91
C THR B 97 -2.88 -7.94 8.30
N LEU B 98 -2.73 -8.24 9.58
CA LEU B 98 -3.01 -9.56 10.13
C LEU B 98 -4.07 -9.40 11.20
N TYR B 99 -5.08 -10.27 11.18
CA TYR B 99 -6.26 -10.04 12.00
C TYR B 99 -6.36 -10.93 13.24
N GLY B 100 -5.74 -12.08 13.26
CA GLY B 100 -6.06 -13.00 14.34
C GLY B 100 -5.48 -12.66 15.70
N PHE B 101 -4.57 -11.70 15.82
CA PHE B 101 -3.80 -11.54 17.05
C PHE B 101 -3.91 -10.16 17.68
N GLY B 102 -4.85 -9.34 17.24
CA GLY B 102 -4.90 -7.97 17.68
C GLY B 102 -5.17 -7.81 19.16
N ALA C 38 19.21 36.82 18.81
CA ALA C 38 19.43 37.04 17.38
C ALA C 38 20.09 35.83 16.74
N LYS C 39 19.61 34.63 17.09
CA LYS C 39 20.14 33.39 16.54
C LYS C 39 19.00 32.42 16.32
N SER C 40 18.85 31.94 15.10
CA SER C 40 17.78 31.02 14.76
C SER C 40 18.10 29.62 15.26
N ARG C 41 17.04 28.86 15.58
CA ARG C 41 17.23 27.46 16.06
C ARG C 41 17.89 26.64 14.94
N SER C 42 17.60 26.98 13.69
CA SER C 42 18.26 26.27 12.54
C SER C 42 19.76 26.54 12.61
N SER C 43 20.14 27.78 12.91
CA SER C 43 21.56 28.13 13.01
C SER C 43 22.20 27.44 14.21
N ARG C 44 21.47 27.33 15.30
CA ARG C 44 21.97 26.63 16.47
C ARG C 44 22.21 25.16 16.17
N ALA C 45 21.36 24.54 15.35
CA ALA C 45 21.53 23.14 14.98
C ALA C 45 22.51 22.95 13.84
N GLY C 46 22.86 24.01 13.13
CA GLY C 46 23.73 23.86 11.98
C GLY C 46 23.02 23.37 10.75
N LEU C 47 21.77 23.76 10.56
CA LEU C 47 20.94 23.26 9.49
C LEU C 47 20.56 24.40 8.56
N GLN C 48 20.13 24.03 7.36
CA GLN C 48 19.56 25.00 6.43
C GLN C 48 18.05 24.93 6.38
N PHE C 49 17.45 23.99 7.03
CA PHE C 49 16.01 23.83 6.99
C PHE C 49 15.35 24.47 8.20
N PRO C 50 14.18 25.03 8.04
CA PRO C 50 13.58 25.84 9.10
C PRO C 50 13.07 25.01 10.27
N VAL C 51 13.82 25.01 11.37
CA VAL C 51 13.40 24.27 12.55
C VAL C 51 12.11 24.83 13.09
N GLY C 52 11.96 26.16 13.08
CA GLY C 52 10.73 26.75 13.57
C GLY C 52 9.53 26.35 12.74
N ARG C 53 9.69 26.32 11.42
CA ARG C 53 8.58 25.93 10.56
C ARG C 53 8.23 24.46 10.76
N VAL C 54 9.25 23.60 10.85
CA VAL C 54 8.98 22.19 11.10
C VAL C 54 8.25 22.02 12.42
N HIS C 55 8.63 22.81 13.43
CA HIS C 55 7.96 22.72 14.73
C HIS C 55 6.51 23.15 14.61
N ARG C 56 6.26 24.23 13.89
CA ARG C 56 4.90 24.71 13.72
C ARG C 56 4.05 23.67 12.99
N LEU C 57 4.63 23.04 11.97
CA LEU C 57 3.92 22.03 11.22
C LEU C 57 3.61 20.82 12.09
N LEU C 58 4.58 20.39 12.89
CA LEU C 58 4.32 19.30 13.81
C LEU C 58 3.20 19.64 14.78
N ARG C 59 3.20 20.86 15.30
CA ARG C 59 2.20 21.22 16.30
C ARG C 59 0.81 21.33 15.68
N LYS C 60 0.73 21.84 14.45
CA LYS C 60 -0.58 22.07 13.87
C LYS C 60 -1.10 20.88 13.08
N GLY C 61 -0.26 19.87 12.82
CA GLY C 61 -0.74 18.72 12.09
C GLY C 61 -1.45 17.71 12.96
N ASN C 62 -1.71 18.07 14.22
CA ASN C 62 -2.25 17.17 15.24
C ASN C 62 -1.69 15.77 15.14
N TYR C 63 -0.37 15.66 15.08
CA TYR C 63 0.27 14.36 15.15
C TYR C 63 0.25 13.82 16.58
N ALA C 64 0.46 14.70 17.56
CA ALA C 64 0.27 14.35 18.95
C ALA C 64 -0.18 15.59 19.69
N GLU C 65 -0.53 15.42 20.96
CA GLU C 65 -1.00 16.52 21.77
C GLU C 65 0.12 17.42 22.24
N ARG C 66 1.36 17.08 21.93
CA ARG C 66 2.50 17.72 22.57
C ARG C 66 3.74 17.35 21.78
N VAL C 67 4.65 18.29 21.61
CA VAL C 67 5.83 18.08 20.80
C VAL C 67 7.06 18.40 21.62
N GLY C 68 8.04 17.51 21.60
CA GLY C 68 9.29 17.75 22.27
C GLY C 68 10.07 18.87 21.62
N ALA C 69 11.18 19.24 22.26
CA ALA C 69 11.98 20.34 21.74
C ALA C 69 12.94 19.87 20.67
N GLY C 70 13.52 18.69 20.84
CA GLY C 70 14.45 18.17 19.85
C GLY C 70 13.81 17.47 18.68
N ALA C 71 12.49 17.26 18.72
CA ALA C 71 11.84 16.58 17.62
C ALA C 71 11.93 17.36 16.32
N PRO C 72 11.60 18.65 16.27
CA PRO C 72 11.74 19.36 15.00
C PRO C 72 13.18 19.50 14.57
N VAL C 73 14.13 19.53 15.51
CA VAL C 73 15.53 19.57 15.14
C VAL C 73 15.93 18.29 14.42
N TYR C 74 15.62 17.15 15.04
CA TYR C 74 15.92 15.86 14.42
C TYR C 74 15.25 15.75 13.07
N LEU C 75 13.99 16.15 12.98
CA LEU C 75 13.23 15.97 11.75
C LEU C 75 13.78 16.85 10.64
N ALA C 76 14.09 18.11 10.95
CA ALA C 76 14.66 18.99 9.94
C ALA C 76 16.02 18.50 9.50
N ALA C 77 16.82 17.96 10.42
CA ALA C 77 18.10 17.40 10.03
C ALA C 77 17.93 16.25 9.05
N VAL C 78 16.96 15.37 9.31
CA VAL C 78 16.74 14.24 8.42
C VAL C 78 16.26 14.72 7.07
N LEU C 79 15.31 15.65 7.05
CA LEU C 79 14.81 16.17 5.78
C LEU C 79 15.93 16.81 4.97
N GLU C 80 16.79 17.57 5.64
CA GLU C 80 17.89 18.21 4.94
C GLU C 80 18.88 17.18 4.41
N TYR C 81 19.15 16.14 5.18
CA TYR C 81 20.07 15.12 4.70
C TYR C 81 19.51 14.43 3.47
N LEU C 82 18.23 14.10 3.48
CA LEU C 82 17.64 13.41 2.33
C LEU C 82 17.63 14.32 1.11
N THR C 83 17.31 15.60 1.31
CA THR C 83 17.37 16.55 0.21
C THR C 83 18.78 16.63 -0.36
N ALA C 84 19.79 16.67 0.49
CA ALA C 84 21.17 16.73 0.01
C ALA C 84 21.52 15.48 -0.77
N GLU C 85 21.13 14.32 -0.28
CA GLU C 85 21.45 13.08 -0.98
C GLU C 85 20.79 13.04 -2.34
N ILE C 86 19.56 13.51 -2.46
CA ILE C 86 18.90 13.51 -3.76
C ILE C 86 19.55 14.51 -4.69
N LEU C 87 19.78 15.74 -4.20
CA LEU C 87 20.28 16.80 -5.05
C LEU C 87 21.69 16.51 -5.54
N GLU C 88 22.50 15.83 -4.73
CA GLU C 88 23.84 15.49 -5.17
C GLU C 88 23.79 14.57 -6.38
N LEU C 89 23.04 13.48 -6.29
CA LEU C 89 22.96 12.56 -7.41
C LEU C 89 22.30 13.21 -8.61
N ALA C 90 21.31 14.07 -8.38
CA ALA C 90 20.70 14.76 -9.50
C ALA C 90 21.69 15.68 -10.20
N GLY C 91 22.53 16.37 -9.43
CA GLY C 91 23.55 17.20 -10.03
C GLY C 91 24.59 16.39 -10.78
N ASN C 92 24.94 15.22 -10.26
CA ASN C 92 25.87 14.36 -10.99
C ASN C 92 25.25 13.90 -12.30
N ALA C 93 23.96 13.60 -12.29
CA ALA C 93 23.28 13.19 -13.51
C ALA C 93 23.22 14.33 -14.52
N ALA C 94 22.99 15.55 -14.03
CA ALA C 94 23.00 16.70 -14.93
C ALA C 94 24.39 16.92 -15.48
N ARG C 95 25.42 16.68 -14.67
CA ARG C 95 26.79 16.85 -15.13
C ARG C 95 27.11 15.87 -16.25
N ASP C 96 27.04 14.57 -15.95
CA ASP C 96 27.45 13.61 -16.97
C ASP C 96 26.45 13.57 -18.12
N ASN C 97 25.28 14.15 -17.92
CA ASN C 97 24.39 14.35 -19.05
C ASN C 97 24.73 15.61 -19.83
N LYS C 98 25.82 16.25 -19.40
CA LYS C 98 26.40 17.40 -20.08
C LYS C 98 25.49 18.61 -20.07
N LYS C 99 24.57 18.67 -19.11
CA LYS C 99 23.71 19.82 -18.92
C LYS C 99 24.21 20.63 -17.73
N THR C 100 23.52 21.73 -17.45
CA THR C 100 23.93 22.64 -16.40
C THR C 100 22.86 22.90 -15.37
N ARG C 101 21.62 22.54 -15.68
CA ARG C 101 20.48 22.83 -14.76
C ARG C 101 19.73 21.51 -14.49
N ILE C 102 19.31 21.29 -13.23
CA ILE C 102 18.62 20.07 -12.89
C ILE C 102 17.18 20.14 -13.35
N ILE C 103 16.75 19.14 -14.11
CA ILE C 103 15.39 19.05 -14.60
C ILE C 103 14.78 17.77 -14.05
N PRO C 104 13.45 17.59 -14.10
CA PRO C 104 12.86 16.35 -13.57
C PRO C 104 13.51 15.08 -14.09
N ARG C 105 13.97 15.09 -15.33
CA ARG C 105 14.66 13.89 -15.89
C ARG C 105 15.83 13.51 -14.98
N HIS C 106 16.59 14.50 -14.47
CA HIS C 106 17.77 14.19 -13.69
C HIS C 106 17.39 13.67 -12.31
N LEU C 107 16.31 14.21 -11.73
CA LEU C 107 15.82 13.66 -10.47
C LEU C 107 15.38 12.22 -10.64
N GLN C 108 14.67 11.93 -11.72
CA GLN C 108 14.25 10.55 -11.97
C GLN C 108 15.46 9.63 -12.12
N LEU C 109 16.45 10.06 -12.90
CA LEU C 109 17.65 9.24 -13.08
C LEU C 109 18.37 9.03 -11.77
N ALA C 110 18.44 10.06 -10.94
CA ALA C 110 19.11 9.93 -9.66
C ALA C 110 18.39 8.96 -8.75
N ILE C 111 17.05 9.02 -8.75
CA ILE C 111 16.29 8.19 -7.83
C ILE C 111 16.31 6.73 -8.27
N ARG C 112 16.05 6.48 -9.55
CA ARG C 112 15.95 5.10 -10.00
C ARG C 112 17.29 4.41 -10.10
N ASN C 113 18.40 5.11 -9.93
CA ASN C 113 19.71 4.51 -10.03
C ASN C 113 20.35 4.25 -8.66
N ASP C 114 19.81 4.80 -7.60
CA ASP C 114 20.24 4.44 -6.25
C ASP C 114 19.24 3.45 -5.69
N GLU C 115 19.74 2.32 -5.18
CA GLU C 115 18.82 1.27 -4.76
C GLU C 115 18.03 1.68 -3.53
N GLU C 116 18.65 2.39 -2.60
CA GLU C 116 17.96 2.77 -1.38
C GLU C 116 16.94 3.87 -1.64
N LEU C 117 17.34 4.90 -2.39
CA LEU C 117 16.39 5.93 -2.76
C LEU C 117 15.26 5.36 -3.59
N ASN C 118 15.56 4.41 -4.46
CA ASN C 118 14.54 3.82 -5.31
C ASN C 118 13.56 3.00 -4.48
N LYS C 119 14.07 2.31 -3.45
CA LYS C 119 13.18 1.60 -2.55
C LYS C 119 12.33 2.57 -1.74
N LEU C 120 12.90 3.71 -1.36
CA LEU C 120 12.15 4.68 -0.59
C LEU C 120 11.03 5.29 -1.43
N LEU C 121 11.36 5.73 -2.63
CA LEU C 121 10.37 6.29 -3.55
C LEU C 121 9.92 5.22 -4.55
N GLY C 122 9.40 4.12 -4.00
CA GLY C 122 9.01 3.02 -4.86
C GLY C 122 7.66 3.21 -5.51
N ARG C 123 6.75 3.90 -4.85
CA ARG C 123 5.41 4.13 -5.37
C ARG C 123 5.22 5.57 -5.80
N VAL C 124 6.28 6.23 -6.23
CA VAL C 124 6.27 7.65 -6.56
C VAL C 124 6.48 7.81 -8.05
N THR C 125 5.70 8.69 -8.66
CA THR C 125 5.81 9.02 -10.08
C THR C 125 6.36 10.43 -10.20
N ILE C 126 7.50 10.55 -10.87
CA ILE C 126 8.10 11.85 -11.14
C ILE C 126 7.52 12.35 -12.45
N ALA C 127 6.73 13.41 -12.40
CA ALA C 127 6.17 13.97 -13.61
C ALA C 127 7.27 14.46 -14.53
N GLN C 128 7.14 14.14 -15.82
CA GLN C 128 8.16 14.49 -16.82
C GLN C 128 9.50 13.86 -16.48
N GLY C 129 9.46 12.66 -15.93
CA GLY C 129 10.69 11.99 -15.54
C GLY C 129 11.14 10.95 -16.52
N GLY C 130 10.23 10.39 -17.30
CA GLY C 130 10.63 9.36 -18.22
C GLY C 130 10.90 8.05 -17.49
N VAL C 131 11.62 7.17 -18.18
CA VAL C 131 11.97 5.86 -17.66
C VAL C 131 13.47 5.68 -17.78
N LEU C 132 13.95 4.52 -17.33
CA LEU C 132 15.34 4.16 -17.53
C LEU C 132 15.46 3.22 -18.71
N PRO C 133 16.49 3.44 -19.56
CA PRO C 133 16.74 2.55 -20.67
C PRO C 133 16.90 1.10 -20.25
N ASN C 134 15.99 0.25 -20.73
CA ASN C 134 16.12 -1.20 -20.46
C ASN C 134 15.95 -1.93 -21.81
N ILE C 135 16.70 -3.01 -22.03
CA ILE C 135 16.66 -3.79 -23.31
C ILE C 135 15.88 -3.03 -24.38
N ARG D 34 3.08 34.40 2.59
CA ARG D 34 1.76 33.78 2.68
C ARG D 34 1.85 32.26 2.52
N LYS D 35 2.07 31.82 1.28
CA LYS D 35 2.18 30.39 0.98
C LYS D 35 3.56 29.88 1.35
N GLU D 36 3.61 28.88 2.22
CA GLU D 36 4.88 28.31 2.63
C GLU D 36 5.39 27.31 1.60
N SER D 37 6.69 27.12 1.59
CA SER D 37 7.34 26.20 0.67
C SER D 37 8.71 25.87 1.24
N TYR D 38 9.52 25.10 0.51
CA TYR D 38 10.90 24.81 0.96
C TYR D 38 11.86 25.17 -0.18
N SER D 39 11.42 25.99 -1.12
CA SER D 39 12.25 26.32 -2.32
C SER D 39 13.55 27.02 -1.91
N VAL D 40 13.48 27.95 -0.96
CA VAL D 40 14.69 28.72 -0.56
C VAL D 40 15.70 27.79 0.10
N TYR D 41 15.23 26.83 0.91
CA TYR D 41 16.13 25.94 1.62
C TYR D 41 16.67 24.86 0.72
N VAL D 42 15.85 24.37 -0.22
CA VAL D 42 16.35 23.44 -1.22
C VAL D 42 17.43 24.12 -2.04
N TYR D 43 17.25 25.39 -2.35
CA TYR D 43 18.27 26.10 -3.10
C TYR D 43 19.55 26.27 -2.29
N LYS D 44 19.42 26.54 -1.00
CA LYS D 44 20.60 26.65 -0.15
C LYS D 44 21.38 25.34 -0.12
N VAL D 45 20.69 24.23 0.13
CA VAL D 45 21.43 22.97 0.20
C VAL D 45 21.98 22.60 -1.16
N LEU D 46 21.32 23.01 -2.23
CA LEU D 46 21.87 22.78 -3.55
C LEU D 46 23.14 23.58 -3.74
N LYS D 47 23.16 24.82 -3.28
CA LYS D 47 24.39 25.60 -3.35
C LYS D 47 25.49 24.95 -2.54
N GLN D 48 25.14 24.31 -1.43
CA GLN D 48 26.15 23.62 -0.64
C GLN D 48 26.73 22.42 -1.39
N VAL D 49 25.87 21.62 -2.00
CA VAL D 49 26.36 20.33 -2.52
C VAL D 49 26.91 20.49 -3.93
N HIS D 50 26.37 21.39 -4.73
CA HIS D 50 26.79 21.63 -6.10
C HIS D 50 26.77 23.14 -6.29
N PRO D 51 27.86 23.83 -5.91
CA PRO D 51 27.82 25.29 -5.86
C PRO D 51 27.72 25.96 -7.20
N ASP D 52 27.56 25.19 -8.27
CA ASP D 52 27.56 25.78 -9.64
C ASP D 52 26.42 25.23 -10.49
N THR D 53 25.44 24.54 -9.90
CA THR D 53 24.37 23.92 -10.74
C THR D 53 23.01 24.56 -10.44
N GLY D 54 22.29 24.99 -11.47
CA GLY D 54 20.95 25.57 -11.28
C GLY D 54 19.90 24.49 -11.16
N ILE D 55 18.68 24.85 -10.78
CA ILE D 55 17.56 23.85 -10.72
C ILE D 55 16.36 24.42 -11.49
N SER D 56 15.62 23.56 -12.21
CA SER D 56 14.45 24.02 -13.01
C SER D 56 13.28 24.33 -12.07
N SER D 57 12.33 25.15 -12.55
CA SER D 57 11.13 25.49 -11.73
C SER D 57 10.32 24.23 -11.42
N LYS D 58 10.21 23.32 -12.39
CA LYS D 58 9.43 22.11 -12.18
C LYS D 58 10.17 21.12 -11.29
N ALA D 59 11.49 21.03 -11.44
CA ALA D 59 12.27 20.22 -10.52
C ALA D 59 12.18 20.75 -9.10
N MET D 60 12.10 22.06 -8.93
CA MET D 60 11.93 22.59 -7.58
C MET D 60 10.57 22.21 -7.01
N GLY D 61 9.54 22.18 -7.84
CA GLY D 61 8.25 21.70 -7.39
C GLY D 61 8.30 20.25 -6.97
N ILE D 62 9.04 19.44 -7.74
CA ILE D 62 9.20 18.04 -7.37
C ILE D 62 9.91 17.91 -6.04
N MET D 63 10.92 18.74 -5.79
CA MET D 63 11.63 18.67 -4.52
C MET D 63 10.73 19.10 -3.37
N ASN D 64 9.89 20.10 -3.58
CA ASN D 64 8.92 20.46 -2.55
C ASN D 64 7.99 19.31 -2.25
N SER D 65 7.48 18.66 -3.30
CA SER D 65 6.61 17.51 -3.09
C SER D 65 7.33 16.42 -2.31
N PHE D 66 8.60 16.18 -2.64
CA PHE D 66 9.35 15.14 -1.96
C PHE D 66 9.53 15.46 -0.49
N VAL D 67 9.87 16.71 -0.17
CA VAL D 67 10.05 17.08 1.24
C VAL D 67 8.75 16.93 2.00
N ASN D 68 7.65 17.40 1.42
CA ASN D 68 6.37 17.27 2.09
C ASN D 68 5.99 15.80 2.30
N ASP D 69 6.26 14.97 1.29
CA ASP D 69 5.93 13.56 1.38
C ASP D 69 6.69 12.88 2.50
N ILE D 70 8.01 13.10 2.54
CA ILE D 70 8.82 12.45 3.57
C ILE D 70 8.48 12.99 4.94
N PHE D 71 8.25 14.29 5.05
CA PHE D 71 7.83 14.85 6.33
C PHE D 71 6.55 14.18 6.81
N GLU D 72 5.57 14.03 5.93
CA GLU D 72 4.31 13.43 6.34
C GLU D 72 4.49 11.99 6.75
N ARG D 73 5.28 11.23 5.99
CA ARG D 73 5.54 9.84 6.37
C ARG D 73 6.14 9.76 7.75
N ILE D 74 7.21 10.50 8.00
CA ILE D 74 7.90 10.40 9.28
C ILE D 74 7.01 10.87 10.40
N ALA D 75 6.29 11.97 10.20
CA ALA D 75 5.45 12.49 11.26
C ALA D 75 4.32 11.54 11.59
N GLY D 76 3.71 10.91 10.59
CA GLY D 76 2.65 9.97 10.86
C GLY D 76 3.14 8.73 11.55
N GLU D 77 4.32 8.23 11.16
CA GLU D 77 4.87 7.08 11.83
C GLU D 77 5.19 7.39 13.28
N ALA D 78 5.78 8.56 13.55
CA ALA D 78 6.05 8.94 14.93
C ALA D 78 4.77 9.12 15.71
N SER D 79 3.74 9.64 15.08
CA SER D 79 2.45 9.80 15.74
C SER D 79 1.92 8.46 16.19
N ARG D 80 1.91 7.48 15.30
CA ARG D 80 1.33 6.20 15.69
C ARG D 80 2.25 5.45 16.63
N LEU D 81 3.56 5.72 16.61
CA LEU D 81 4.44 5.15 17.63
C LEU D 81 4.07 5.65 19.02
N ALA D 82 3.95 6.97 19.15
CA ALA D 82 3.53 7.53 20.42
C ALA D 82 2.19 6.99 20.85
N HIS D 83 1.27 6.81 19.89
CA HIS D 83 -0.04 6.29 20.26
C HIS D 83 0.03 4.84 20.70
N TYR D 84 0.91 4.05 20.08
CA TYR D 84 1.09 2.67 20.51
C TYR D 84 1.59 2.60 21.93
N ASN D 85 2.61 3.39 22.24
CA ASN D 85 3.20 3.33 23.56
C ASN D 85 2.48 4.17 24.58
N LYS D 86 1.24 4.56 24.30
CA LYS D 86 0.42 5.33 25.23
C LYS D 86 1.08 6.62 25.67
N ARG D 87 2.04 7.10 24.90
CA ARG D 87 2.64 8.40 25.16
C ARG D 87 1.78 9.48 24.54
N SER D 88 2.02 10.71 24.97
CA SER D 88 1.27 11.84 24.47
C SER D 88 2.13 12.91 23.83
N THR D 89 3.43 12.68 23.70
CA THR D 89 4.33 13.65 23.11
C THR D 89 5.25 12.97 22.11
N ILE D 90 5.53 13.68 21.03
CA ILE D 90 6.43 13.21 19.99
C ILE D 90 7.81 13.80 20.32
N THR D 91 8.68 12.97 20.86
CA THR D 91 10.01 13.42 21.21
C THR D 91 10.97 13.09 20.07
N SER D 92 12.22 13.50 20.22
CA SER D 92 13.21 13.15 19.23
C SER D 92 13.49 11.65 19.19
N ARG D 93 13.01 10.91 20.17
CA ARG D 93 13.18 9.47 20.16
C ARG D 93 12.21 8.81 19.19
N GLU D 94 10.97 9.30 19.12
CA GLU D 94 10.04 8.81 18.13
C GLU D 94 10.51 9.11 16.72
N ILE D 95 11.04 10.31 16.49
CA ILE D 95 11.54 10.65 15.17
C ILE D 95 12.66 9.70 14.77
N GLN D 96 13.48 9.31 15.74
CA GLN D 96 14.57 8.39 15.42
C GLN D 96 14.03 7.02 15.05
N THR D 97 13.10 6.50 15.84
CA THR D 97 12.55 5.20 15.52
C THR D 97 11.77 5.23 14.22
N ALA D 98 11.00 6.28 13.97
CA ALA D 98 10.27 6.39 12.72
C ALA D 98 11.23 6.44 11.54
N VAL D 99 12.35 7.13 11.68
CA VAL D 99 13.35 7.15 10.62
C VAL D 99 13.91 5.76 10.41
N ARG D 100 14.11 5.01 11.50
CA ARG D 100 14.60 3.65 11.34
C ARG D 100 13.59 2.76 10.63
N LEU D 101 12.30 3.01 10.84
CA LEU D 101 11.29 2.17 10.21
C LEU D 101 11.11 2.49 8.73
N LEU D 102 11.23 3.76 8.36
CA LEU D 102 10.87 4.18 7.01
C LEU D 102 12.02 4.12 6.03
N LEU D 103 13.22 4.36 6.46
CA LEU D 103 14.27 4.41 5.46
C LEU D 103 14.95 3.06 5.31
N PRO D 104 15.47 2.75 4.14
CA PRO D 104 16.30 1.56 3.96
C PRO D 104 17.58 1.67 4.77
N GLY D 105 18.42 0.65 4.65
CA GLY D 105 19.46 0.43 5.65
C GLY D 105 20.42 1.58 5.82
N GLU D 106 21.25 1.83 4.81
CA GLU D 106 22.32 2.80 4.99
C GLU D 106 21.76 4.22 5.01
N LEU D 107 20.69 4.46 4.26
CA LEU D 107 20.00 5.73 4.34
C LEU D 107 19.59 6.02 5.77
N ALA D 108 19.03 5.04 6.45
CA ALA D 108 18.58 5.22 7.82
C ALA D 108 19.76 5.42 8.75
N LYS D 109 20.84 4.67 8.54
CA LYS D 109 22.02 4.85 9.38
C LYS D 109 22.53 6.28 9.32
N HIS D 110 22.73 6.78 8.10
CA HIS D 110 23.25 8.13 7.97
C HIS D 110 22.25 9.17 8.45
N ALA D 111 20.96 8.93 8.25
CA ALA D 111 19.97 9.90 8.70
C ALA D 111 19.93 9.98 10.21
N VAL D 112 20.03 8.83 10.88
CA VAL D 112 20.09 8.83 12.34
C VAL D 112 21.33 9.55 12.82
N SER D 113 22.46 9.30 12.17
CA SER D 113 23.68 10.02 12.54
C SER D 113 23.49 11.52 12.44
N GLU D 114 22.97 11.99 11.30
CA GLU D 114 22.77 13.41 11.10
C GLU D 114 21.82 14.00 12.15
N GLY D 115 20.72 13.32 12.43
CA GLY D 115 19.77 13.85 13.38
C GLY D 115 20.32 13.93 14.78
N THR D 116 21.01 12.88 15.23
CA THR D 116 21.60 12.92 16.56
C THR D 116 22.65 14.01 16.65
N LYS D 117 23.49 14.13 15.62
CA LYS D 117 24.48 15.21 15.61
C LYS D 117 23.81 16.56 15.75
N ALA D 118 22.72 16.77 15.01
CA ALA D 118 22.05 18.07 15.05
C ALA D 118 21.46 18.34 16.42
N VAL D 119 20.83 17.35 17.05
CA VAL D 119 20.22 17.64 18.34
C VAL D 119 21.28 17.84 19.41
N THR D 120 22.42 17.15 19.30
CA THR D 120 23.50 17.42 20.24
C THR D 120 24.02 18.83 20.09
N LYS D 121 24.34 19.23 18.85
CA LYS D 121 24.81 20.58 18.62
C LYS D 121 23.78 21.61 19.03
N TYR D 122 22.50 21.27 18.96
CA TYR D 122 21.45 22.22 19.32
C TYR D 122 21.33 22.37 20.83
N THR D 123 21.36 21.27 21.56
CA THR D 123 21.27 21.37 23.02
C THR D 123 22.53 21.95 23.61
N SER D 124 23.68 21.74 22.97
CA SER D 124 24.93 22.30 23.47
C SER D 124 24.97 23.80 23.16
N SER D 125 23.97 24.50 23.67
CA SER D 125 23.88 25.95 23.54
C SER D 125 22.95 26.52 24.61
N GLY E 46 14.69 -0.77 -36.98
CA GLY E 46 13.87 0.43 -36.92
C GLY E 46 13.17 0.57 -35.58
N TRP E 47 12.49 -0.50 -35.18
CA TRP E 47 11.90 -0.52 -33.85
C TRP E 47 12.94 -0.27 -32.78
N LEU E 48 14.19 -0.68 -33.02
CA LEU E 48 15.22 -0.51 -32.02
C LEU E 48 15.54 0.97 -31.81
N LYS E 49 15.74 1.70 -32.91
CA LYS E 49 16.00 3.12 -32.76
C LYS E 49 14.77 3.85 -32.24
N GLU E 50 13.57 3.37 -32.56
CA GLU E 50 12.37 3.97 -32.00
C GLU E 50 12.33 3.80 -30.48
N ILE E 51 12.60 2.59 -30.00
CA ILE E 51 12.64 2.34 -28.57
C ILE E 51 13.70 3.20 -27.91
N ARG E 52 14.89 3.23 -28.49
CA ARG E 52 15.97 3.99 -27.88
C ARG E 52 15.66 5.49 -27.86
N LYS E 53 14.95 5.98 -28.86
CA LYS E 53 14.58 7.39 -28.89
C LYS E 53 13.49 7.69 -27.86
N LEU E 54 12.53 6.78 -27.71
CA LEU E 54 11.43 7.03 -26.79
C LEU E 54 11.86 6.89 -25.34
N GLN E 55 12.80 6.00 -25.06
CA GLN E 55 13.20 5.78 -23.68
C GLN E 55 14.13 6.85 -23.15
N LYS E 56 14.60 7.76 -24.00
CA LYS E 56 15.40 8.88 -23.52
C LYS E 56 14.63 10.18 -23.52
N SER E 57 13.40 10.18 -24.02
CA SER E 57 12.54 11.34 -24.00
C SER E 57 11.65 11.31 -22.76
N THR E 58 10.96 12.43 -22.51
CA THR E 58 10.06 12.52 -21.37
C THR E 58 8.68 13.09 -21.70
N HIS E 59 8.46 13.59 -22.91
CA HIS E 59 7.20 14.22 -23.21
C HIS E 59 6.07 13.20 -23.22
N LEU E 60 4.85 13.69 -23.05
CA LEU E 60 3.68 12.81 -23.06
C LEU E 60 3.47 12.22 -24.43
N LEU E 61 2.99 10.98 -24.48
CA LEU E 61 2.83 10.27 -25.73
C LEU E 61 1.41 10.25 -26.25
N ILE E 62 0.44 10.44 -25.41
CA ILE E 62 -0.93 10.58 -25.87
C ILE E 62 -1.21 12.05 -26.13
N ARG E 63 -2.08 12.32 -27.09
CA ARG E 63 -2.38 13.70 -27.45
C ARG E 63 -3.30 14.32 -26.42
N LYS E 64 -2.99 15.56 -26.06
CA LYS E 64 -3.68 16.21 -24.96
C LYS E 64 -5.16 16.37 -25.22
N LEU E 65 -5.54 16.72 -26.42
CA LEU E 65 -6.95 16.99 -26.66
C LEU E 65 -7.79 15.72 -26.67
N PRO E 66 -7.35 14.64 -27.35
CA PRO E 66 -8.09 13.38 -27.20
C PRO E 66 -8.14 12.89 -25.77
N PHE E 67 -7.03 12.98 -25.06
CA PHE E 67 -7.05 12.56 -23.66
C PHE E 67 -8.05 13.38 -22.86
N SER E 68 -8.10 14.69 -23.10
CA SER E 68 -9.03 15.54 -22.38
C SER E 68 -10.47 15.16 -22.68
N ARG E 69 -10.78 14.90 -23.94
CA ARG E 69 -12.14 14.50 -24.28
C ARG E 69 -12.52 13.21 -23.57
N LEU E 70 -11.62 12.25 -23.56
CA LEU E 70 -11.90 10.98 -22.89
C LEU E 70 -12.13 11.18 -21.40
N ALA E 71 -11.24 11.93 -20.75
CA ALA E 71 -11.39 12.16 -19.32
C ALA E 71 -12.70 12.88 -19.02
N ARG E 72 -13.08 13.84 -19.87
CA ARG E 72 -14.29 14.60 -19.59
C ARG E 72 -15.52 13.74 -19.76
N GLU E 73 -15.55 12.86 -20.76
CA GLU E 73 -16.73 12.03 -20.90
C GLU E 73 -16.82 11.00 -19.79
N ILE E 74 -15.68 10.50 -19.30
CA ILE E 74 -15.74 9.63 -18.13
C ILE E 74 -16.29 10.40 -16.93
N CYS E 75 -15.85 11.65 -16.75
CA CYS E 75 -16.33 12.43 -15.62
C CYS E 75 -17.82 12.65 -15.70
N VAL E 76 -18.35 12.92 -16.90
CA VAL E 76 -19.78 13.14 -17.01
C VAL E 76 -20.56 11.85 -16.84
N LYS E 77 -19.95 10.71 -17.12
CA LYS E 77 -20.62 9.46 -16.77
C LYS E 77 -20.62 9.25 -15.26
N PHE E 78 -19.63 9.76 -14.56
CA PHE E 78 -19.56 9.62 -13.11
C PHE E 78 -20.30 10.71 -12.36
N THR E 79 -20.90 11.66 -13.06
CA THR E 79 -21.47 12.78 -12.35
C THR E 79 -22.82 12.41 -11.73
N ARG E 80 -23.32 13.31 -10.88
CA ARG E 80 -24.64 13.10 -10.24
C ARG E 80 -25.58 14.21 -10.72
N GLY E 81 -25.47 14.57 -12.01
CA GLY E 81 -26.31 15.64 -12.58
C GLY E 81 -25.68 17.02 -12.42
N VAL E 82 -24.49 17.11 -11.83
CA VAL E 82 -23.79 18.43 -11.73
C VAL E 82 -22.47 18.35 -12.52
N ASP E 83 -22.32 19.16 -13.57
CA ASP E 83 -21.12 19.08 -14.43
C ASP E 83 -19.92 19.71 -13.71
N PHE E 84 -18.70 19.27 -14.05
CA PHE E 84 -17.52 19.89 -13.46
C PHE E 84 -16.64 20.50 -14.52
N ASN E 85 -15.85 21.47 -14.12
CA ASN E 85 -14.77 21.99 -14.94
C ASN E 85 -13.47 21.33 -14.53
N TRP E 86 -12.45 21.53 -15.35
CA TRP E 86 -11.16 20.89 -15.13
C TRP E 86 -10.07 21.93 -15.31
N GLN E 87 -9.29 22.16 -14.26
CA GLN E 87 -8.10 22.96 -14.43
C GLN E 87 -7.21 22.32 -15.47
N ALA E 88 -6.49 23.17 -16.21
CA ALA E 88 -5.55 22.65 -17.20
C ALA E 88 -4.50 21.78 -16.56
N GLN E 89 -4.13 22.09 -15.32
CA GLN E 89 -3.14 21.29 -14.61
C GLN E 89 -3.73 19.97 -14.12
N ALA E 90 -5.04 19.93 -13.88
CA ALA E 90 -5.65 18.68 -13.45
C ALA E 90 -5.58 17.64 -14.56
N LEU E 91 -5.81 18.05 -15.80
CA LEU E 91 -5.75 17.10 -16.89
C LEU E 91 -4.33 16.69 -17.19
N LEU E 92 -3.38 17.62 -17.06
CA LEU E 92 -1.98 17.25 -17.23
C LEU E 92 -1.55 16.28 -16.15
N ALA E 93 -1.98 16.51 -14.91
CA ALA E 93 -1.65 15.57 -13.84
C ALA E 93 -2.26 14.21 -14.12
N LEU E 94 -3.53 14.19 -14.52
CA LEU E 94 -4.18 12.92 -14.79
C LEU E 94 -3.53 12.19 -15.94
N GLN E 95 -3.01 12.91 -16.93
CA GLN E 95 -2.39 12.23 -18.05
C GLN E 95 -0.97 11.78 -17.73
N GLU E 96 -0.26 12.53 -16.90
CA GLU E 96 1.07 12.09 -16.49
C GLU E 96 0.99 10.77 -15.74
N ALA E 97 -0.01 10.61 -14.90
CA ALA E 97 -0.15 9.38 -14.14
C ALA E 97 -0.58 8.23 -15.00
N ALA E 98 -1.52 8.46 -15.92
CA ALA E 98 -2.03 7.38 -16.76
C ALA E 98 -0.93 6.83 -17.65
N GLU E 99 -0.11 7.70 -18.22
CA GLU E 99 0.93 7.21 -19.12
C GLU E 99 2.01 6.46 -18.36
N ALA E 100 2.37 6.94 -17.17
CA ALA E 100 3.34 6.21 -16.36
C ALA E 100 2.81 4.84 -15.99
N PHE E 101 1.53 4.79 -15.60
CA PHE E 101 0.91 3.51 -15.29
C PHE E 101 0.98 2.56 -16.48
N LEU E 102 0.65 3.06 -17.67
CA LEU E 102 0.62 2.20 -18.84
C LEU E 102 2.02 1.74 -19.22
N VAL E 103 3.00 2.63 -19.12
CA VAL E 103 4.37 2.23 -19.45
C VAL E 103 4.86 1.14 -18.52
N HIS E 104 4.62 1.32 -17.22
CA HIS E 104 5.05 0.29 -16.27
C HIS E 104 4.32 -1.02 -16.52
N LEU E 105 3.03 -0.95 -16.82
CA LEU E 105 2.28 -2.16 -17.10
C LEU E 105 2.84 -2.88 -18.33
N PHE E 106 3.23 -2.12 -19.35
CA PHE E 106 3.81 -2.74 -20.53
C PHE E 106 5.13 -3.39 -20.22
N GLU E 107 5.95 -2.78 -19.38
CA GLU E 107 7.20 -3.41 -18.99
C GLU E 107 6.94 -4.76 -18.32
N ASP E 108 6.01 -4.79 -17.37
CA ASP E 108 5.71 -6.06 -16.70
C ASP E 108 5.18 -7.09 -17.69
N ALA E 109 4.23 -6.70 -18.52
CA ALA E 109 3.65 -7.62 -19.46
C ALA E 109 4.70 -8.21 -20.39
N TYR E 110 5.68 -7.43 -20.79
CA TYR E 110 6.73 -7.91 -21.66
C TYR E 110 7.62 -8.96 -21.01
N LEU E 111 7.85 -8.86 -19.71
CA LEU E 111 8.59 -9.87 -19.00
C LEU E 111 7.87 -11.18 -19.10
N LEU E 112 6.55 -11.17 -19.04
CA LEU E 112 5.75 -12.36 -19.22
C LEU E 112 5.86 -12.93 -20.63
N THR E 113 5.95 -12.08 -21.63
CA THR E 113 6.10 -12.52 -23.00
C THR E 113 7.40 -13.26 -23.15
N LEU E 114 8.48 -12.73 -22.60
CA LEU E 114 9.77 -13.37 -22.64
C LEU E 114 9.79 -14.68 -21.88
N HIS E 115 9.08 -14.76 -20.77
CA HIS E 115 8.98 -15.97 -19.98
C HIS E 115 8.34 -17.06 -20.80
N ALA E 116 7.36 -16.70 -21.61
CA ALA E 116 6.68 -17.66 -22.46
C ALA E 116 7.47 -17.97 -23.74
N GLY E 117 8.62 -17.33 -23.94
CA GLY E 117 9.43 -17.60 -25.11
C GLY E 117 9.06 -16.86 -26.36
N ARG E 118 8.23 -15.84 -26.23
CA ARG E 118 7.80 -15.06 -27.37
C ARG E 118 8.41 -13.68 -27.33
N VAL E 119 8.40 -12.97 -28.44
CA VAL E 119 8.86 -11.60 -28.47
C VAL E 119 7.70 -10.67 -28.81
N THR E 120 6.51 -11.23 -28.99
CA THR E 120 5.35 -10.45 -29.37
C THR E 120 4.40 -10.34 -28.20
N LEU E 121 4.07 -9.12 -27.81
CA LEU E 121 3.22 -8.92 -26.66
C LEU E 121 1.77 -9.29 -26.92
N PHE E 122 1.20 -10.09 -26.03
CA PHE E 122 -0.17 -10.52 -26.19
C PHE E 122 -1.15 -9.99 -25.11
N PRO E 123 -2.50 -9.94 -25.38
CA PRO E 123 -3.46 -9.57 -24.35
C PRO E 123 -3.45 -10.48 -23.16
N LYS E 124 -3.10 -11.75 -23.33
CA LYS E 124 -2.98 -12.62 -22.17
C LYS E 124 -1.77 -12.27 -21.34
N ASP E 125 -0.74 -11.66 -21.91
CA ASP E 125 0.40 -11.26 -21.13
C ASP E 125 0.06 -10.00 -20.37
N VAL E 126 -0.78 -9.16 -20.95
CA VAL E 126 -1.19 -7.98 -20.18
C VAL E 126 -2.16 -8.38 -19.08
N GLN E 127 -3.08 -9.30 -19.36
CA GLN E 127 -4.06 -9.69 -18.36
C GLN E 127 -3.39 -10.37 -17.17
N LEU E 128 -2.36 -11.17 -17.43
CA LEU E 128 -1.71 -11.87 -16.34
C LEU E 128 -0.89 -10.93 -15.48
N ALA E 129 -0.25 -9.94 -16.10
CA ALA E 129 0.49 -8.96 -15.32
C ALA E 129 -0.43 -8.20 -14.38
N ARG E 130 -1.65 -7.91 -14.82
CA ARG E 130 -2.59 -7.27 -13.93
C ARG E 130 -3.00 -8.18 -12.79
N ARG E 131 -3.09 -9.47 -13.05
CA ARG E 131 -3.52 -10.40 -12.02
C ARG E 131 -2.44 -10.58 -10.96
N ILE E 132 -1.17 -10.64 -11.37
CA ILE E 132 -0.10 -10.78 -10.41
C ILE E 132 0.11 -9.52 -9.61
N ARG E 133 -0.06 -8.35 -10.21
CA ARG E 133 0.09 -7.12 -9.46
C ARG E 133 -0.90 -7.04 -8.31
N GLY E 134 -2.11 -7.54 -8.52
CA GLY E 134 -2.92 -7.93 -7.40
C GLY E 134 -3.99 -6.97 -6.93
N LEU E 135 -4.88 -6.54 -7.81
CA LEU E 135 -6.18 -5.97 -7.44
C LEU E 135 -6.12 -4.55 -6.92
N GLU E 136 -4.95 -3.99 -6.63
CA GLU E 136 -4.86 -2.54 -6.49
C GLU E 136 -3.78 -1.96 -7.39
N GLU E 137 -2.59 -2.55 -7.39
CA GLU E 137 -1.56 -2.06 -8.29
C GLU E 137 -1.87 -2.48 -9.73
N GLY E 138 -2.51 -3.62 -9.90
CA GLY E 138 -2.99 -3.97 -11.23
C GLY E 138 -4.49 -3.84 -11.33
N LEU E 139 -4.94 -2.77 -11.95
CA LEU E 139 -6.35 -2.45 -12.00
C LEU E 139 -6.58 -1.16 -12.79
N LEU F 23 -18.82 6.70 -27.83
CA LEU F 23 -18.47 5.39 -28.35
C LEU F 23 -17.85 5.51 -29.75
N ARG F 24 -18.45 6.35 -30.60
CA ARG F 24 -17.92 6.58 -31.94
C ARG F 24 -16.47 7.01 -31.88
N ASP F 25 -16.12 7.80 -30.87
CA ASP F 25 -14.78 8.30 -30.67
C ASP F 25 -14.56 8.43 -29.18
N ASN F 26 -13.58 9.25 -28.80
CA ASN F 26 -13.26 9.59 -27.42
C ASN F 26 -12.55 8.44 -26.72
N ILE F 27 -12.59 7.24 -27.30
CA ILE F 27 -11.79 6.15 -26.79
C ILE F 27 -10.92 5.70 -27.96
N GLN F 28 -11.40 5.94 -29.16
CA GLN F 28 -10.58 5.80 -30.35
C GLN F 28 -9.64 6.97 -30.53
N GLY F 29 -9.81 8.03 -29.74
CA GLY F 29 -8.82 9.09 -29.72
C GLY F 29 -7.47 8.61 -29.22
N ILE F 30 -7.46 7.52 -28.47
CA ILE F 30 -6.21 6.88 -28.11
C ILE F 30 -5.82 5.99 -29.28
N THR F 31 -4.99 6.53 -30.16
CA THR F 31 -4.75 5.91 -31.45
C THR F 31 -3.70 4.82 -31.35
N LYS F 32 -3.71 3.95 -32.36
CA LYS F 32 -2.69 2.91 -32.45
C LYS F 32 -1.27 3.47 -32.38
N PRO F 33 -0.92 4.56 -33.07
CA PRO F 33 0.44 5.07 -32.92
C PRO F 33 0.75 5.53 -31.51
N ALA F 34 -0.22 6.09 -30.79
CA ALA F 34 0.03 6.48 -29.42
C ALA F 34 0.27 5.27 -28.53
N ILE F 35 -0.59 4.26 -28.65
CA ILE F 35 -0.40 3.05 -27.86
C ILE F 35 0.92 2.40 -28.20
N ARG F 36 1.31 2.45 -29.47
CA ARG F 36 2.59 1.88 -29.88
C ARG F 36 3.74 2.64 -29.27
N ARG F 37 3.65 3.96 -29.21
CA ARG F 37 4.70 4.74 -28.58
C ARG F 37 4.81 4.39 -27.10
N LEU F 38 3.67 4.24 -26.43
CA LEU F 38 3.70 3.83 -25.04
C LEU F 38 4.40 2.49 -24.87
N ALA F 39 4.07 1.53 -25.73
CA ALA F 39 4.69 0.22 -25.62
C ALA F 39 6.17 0.27 -25.91
N ARG F 40 6.59 1.07 -26.88
CA ARG F 40 8.01 1.15 -27.19
C ARG F 40 8.78 1.79 -26.05
N ARG F 41 8.21 2.83 -25.44
CA ARG F 41 8.88 3.39 -24.26
C ARG F 41 8.94 2.36 -23.15
N GLY F 42 7.90 1.52 -23.03
CA GLY F 42 7.97 0.40 -22.13
C GLY F 42 8.99 -0.64 -22.54
N GLY F 43 9.47 -0.59 -23.77
CA GLY F 43 10.48 -1.50 -24.24
C GLY F 43 9.96 -2.66 -25.06
N VAL F 44 8.66 -2.68 -25.37
CA VAL F 44 8.08 -3.76 -26.14
C VAL F 44 8.60 -3.71 -27.56
N LYS F 45 9.18 -4.82 -28.01
CA LYS F 45 9.74 -4.87 -29.35
C LYS F 45 8.68 -5.12 -30.42
N ARG F 46 7.68 -5.92 -30.11
CA ARG F 46 6.72 -6.37 -31.11
C ARG F 46 5.36 -6.52 -30.46
N ILE F 47 4.33 -5.94 -31.08
CA ILE F 47 3.02 -5.80 -30.46
C ILE F 47 2.00 -6.55 -31.30
N SER F 48 1.13 -7.29 -30.63
CA SER F 48 0.03 -7.95 -31.31
C SER F 48 -1.00 -6.91 -31.72
N GLY F 49 -2.09 -7.34 -32.36
CA GLY F 49 -3.11 -6.41 -32.86
C GLY F 49 -4.27 -6.21 -31.89
N LEU F 50 -4.49 -7.16 -30.98
CA LEU F 50 -5.60 -7.06 -30.00
C LEU F 50 -5.12 -6.23 -28.80
N ILE F 51 -3.82 -5.93 -28.74
CA ILE F 51 -3.26 -5.15 -27.65
C ILE F 51 -3.87 -3.77 -27.62
N TYR F 52 -4.30 -3.25 -28.77
CA TYR F 52 -4.84 -1.89 -28.78
C TYR F 52 -6.16 -1.82 -28.05
N GLU F 53 -7.06 -2.76 -28.31
CA GLU F 53 -8.32 -2.76 -27.57
C GLU F 53 -8.10 -3.09 -26.11
N GLU F 54 -7.18 -4.03 -25.83
CA GLU F 54 -6.85 -4.33 -24.45
C GLU F 54 -6.37 -3.08 -23.71
N THR F 55 -5.50 -2.30 -24.35
CA THR F 55 -4.92 -1.14 -23.70
C THR F 55 -5.94 -0.03 -23.54
N ARG F 56 -6.83 0.14 -24.51
CA ARG F 56 -7.90 1.10 -24.33
C ARG F 56 -8.76 0.74 -23.14
N GLY F 57 -9.08 -0.54 -22.99
CA GLY F 57 -9.86 -0.95 -21.83
C GLY F 57 -9.14 -0.72 -20.52
N VAL F 58 -7.85 -1.02 -20.49
CA VAL F 58 -7.07 -0.83 -19.26
C VAL F 58 -6.99 0.65 -18.90
N LEU F 59 -6.74 1.50 -19.90
CA LEU F 59 -6.71 2.92 -19.64
C LEU F 59 -8.06 3.44 -19.16
N LYS F 60 -9.14 2.91 -19.72
CA LYS F 60 -10.45 3.35 -19.29
C LYS F 60 -10.69 2.98 -17.83
N VAL F 61 -10.37 1.75 -17.44
CA VAL F 61 -10.63 1.36 -16.07
C VAL F 61 -9.70 2.12 -15.12
N PHE F 62 -8.49 2.45 -15.55
CA PHE F 62 -7.62 3.25 -14.71
C PHE F 62 -8.19 4.64 -14.50
N LEU F 63 -8.67 5.27 -15.57
CA LEU F 63 -9.20 6.62 -15.45
C LEU F 63 -10.47 6.65 -14.63
N GLU F 64 -11.30 5.61 -14.73
CA GLU F 64 -12.54 5.61 -13.97
C GLU F 64 -12.28 5.61 -12.48
N ASN F 65 -11.23 4.93 -12.03
CA ASN F 65 -10.94 4.88 -10.61
C ASN F 65 -10.43 6.21 -10.11
N VAL F 66 -9.53 6.84 -10.87
CA VAL F 66 -8.93 8.08 -10.40
C VAL F 66 -9.94 9.22 -10.49
N ILE F 67 -10.71 9.28 -11.57
CA ILE F 67 -11.62 10.39 -11.75
C ILE F 67 -12.72 10.36 -10.71
N ARG F 68 -13.19 9.16 -10.36
CA ARG F 68 -14.22 9.05 -9.33
C ARG F 68 -13.75 9.66 -8.02
N ASP F 69 -12.55 9.28 -7.58
CA ASP F 69 -12.03 9.83 -6.34
C ASP F 69 -11.75 11.31 -6.44
N ALA F 70 -11.24 11.75 -7.60
CA ALA F 70 -10.94 13.16 -7.77
C ALA F 70 -12.19 14.00 -7.62
N VAL F 71 -13.28 13.60 -8.28
CA VAL F 71 -14.49 14.40 -8.16
C VAL F 71 -15.12 14.22 -6.80
N THR F 72 -14.87 13.10 -6.12
CA THR F 72 -15.34 12.98 -4.75
C THR F 72 -14.70 14.03 -3.86
N TYR F 73 -13.38 14.17 -3.95
CA TYR F 73 -12.70 15.26 -3.25
C TYR F 73 -13.27 16.61 -3.66
N THR F 74 -13.40 16.81 -4.97
CA THR F 74 -13.79 18.10 -5.50
C THR F 74 -15.15 18.52 -5.03
N GLU F 75 -16.07 17.59 -4.86
CA GLU F 75 -17.39 17.96 -4.38
C GLU F 75 -17.52 17.85 -2.88
N HIS F 76 -16.57 17.22 -2.19
CA HIS F 76 -16.54 17.39 -0.75
C HIS F 76 -16.18 18.82 -0.41
N ALA F 77 -15.08 19.32 -0.96
CA ALA F 77 -14.99 20.76 -1.05
C ALA F 77 -16.15 21.24 -1.89
N LYS F 78 -16.75 22.36 -1.53
CA LYS F 78 -17.95 22.73 -2.27
C LYS F 78 -17.57 23.51 -3.53
N ARG F 79 -16.83 22.82 -4.38
CA ARG F 79 -16.29 23.38 -5.60
C ARG F 79 -16.90 22.71 -6.82
N LYS F 80 -16.64 23.30 -7.98
CA LYS F 80 -17.08 22.75 -9.24
C LYS F 80 -15.96 22.54 -10.23
N THR F 81 -14.73 22.86 -9.85
CA THR F 81 -13.58 22.71 -10.72
C THR F 81 -12.66 21.65 -10.14
N VAL F 82 -12.35 20.63 -10.94
CA VAL F 82 -11.42 19.59 -10.51
C VAL F 82 -10.02 20.19 -10.52
N THR F 83 -9.43 20.32 -9.34
CA THR F 83 -8.11 20.90 -9.18
C THR F 83 -7.05 19.84 -9.37
N ALA F 84 -5.83 20.26 -9.70
CA ALA F 84 -4.73 19.32 -9.76
C ALA F 84 -4.51 18.63 -8.42
N MET F 85 -4.74 19.33 -7.31
CA MET F 85 -4.58 18.69 -6.01
C MET F 85 -5.61 17.60 -5.78
N ASP F 86 -6.79 17.73 -6.36
CA ASP F 86 -7.77 16.65 -6.24
C ASP F 86 -7.27 15.39 -6.93
N VAL F 87 -6.70 15.53 -8.12
CA VAL F 87 -6.12 14.39 -8.80
C VAL F 87 -4.97 13.82 -7.99
N VAL F 88 -4.14 14.70 -7.42
CA VAL F 88 -3.01 14.22 -6.64
C VAL F 88 -3.47 13.43 -5.43
N TYR F 89 -4.50 13.91 -4.75
CA TYR F 89 -5.02 13.19 -3.60
C TYR F 89 -5.64 11.86 -4.01
N ALA F 90 -6.36 11.85 -5.13
CA ALA F 90 -6.95 10.60 -5.60
C ALA F 90 -5.88 9.56 -5.86
N LEU F 91 -4.82 9.96 -6.56
CA LEU F 91 -3.74 9.03 -6.83
C LEU F 91 -3.07 8.59 -5.55
N LYS F 92 -2.83 9.53 -4.64
CA LYS F 92 -2.13 9.20 -3.41
C LYS F 92 -2.92 8.20 -2.59
N ARG F 93 -4.24 8.37 -2.56
CA ARG F 93 -5.11 7.43 -1.79
C ARG F 93 -5.18 6.09 -2.52
N GLN F 94 -5.00 6.07 -3.85
CA GLN F 94 -4.97 4.80 -4.54
C GLN F 94 -3.59 4.15 -4.52
N GLY F 95 -2.60 4.81 -3.94
CA GLY F 95 -1.30 4.20 -3.76
C GLY F 95 -0.25 4.64 -4.73
N ARG F 96 -0.52 5.65 -5.54
CA ARG F 96 0.42 6.18 -6.52
C ARG F 96 0.65 7.63 -6.16
N THR F 97 1.88 7.98 -5.78
CA THR F 97 2.19 9.35 -5.42
C THR F 97 2.76 10.06 -6.64
N LEU F 98 2.18 11.21 -6.97
CA LEU F 98 2.64 12.04 -8.06
C LEU F 98 3.32 13.27 -7.49
N TYR F 99 4.42 13.68 -8.11
CA TYR F 99 5.28 14.68 -7.50
C TYR F 99 5.29 16.04 -8.18
N GLY F 100 5.09 16.11 -9.48
CA GLY F 100 5.30 17.39 -10.13
C GLY F 100 4.15 18.39 -10.08
N PHE F 101 3.22 18.25 -9.14
CA PHE F 101 2.05 19.11 -9.19
C PHE F 101 1.62 19.62 -7.82
N GLY F 102 2.52 19.65 -6.85
CA GLY F 102 2.16 20.05 -5.50
C GLY F 102 1.75 21.50 -5.38
N LYS G 39 -31.93 6.23 26.97
CA LYS G 39 -31.47 7.59 26.75
C LYS G 39 -30.06 7.61 26.17
N SER G 40 -29.54 6.43 25.86
CA SER G 40 -28.23 6.34 25.25
C SER G 40 -28.27 6.79 23.80
N ARG G 41 -27.13 7.27 23.31
CA ARG G 41 -27.08 7.73 21.94
C ARG G 41 -27.22 6.59 20.94
N SER G 42 -26.67 5.42 21.27
CA SER G 42 -26.82 4.28 20.38
C SER G 42 -28.29 3.92 20.21
N SER G 43 -29.02 3.82 21.31
CA SER G 43 -30.44 3.52 21.24
C SER G 43 -31.18 4.63 20.52
N ARG G 44 -30.82 5.87 20.79
CA ARG G 44 -31.48 7.00 20.15
C ARG G 44 -31.29 6.97 18.65
N ALA G 45 -30.16 6.46 18.19
CA ALA G 45 -29.90 6.35 16.76
C ALA G 45 -30.34 5.02 16.17
N GLY G 46 -30.76 4.07 17.00
CA GLY G 46 -31.17 2.78 16.50
C GLY G 46 -30.04 1.86 16.16
N LEU G 47 -28.95 1.90 16.91
CA LEU G 47 -27.77 1.12 16.60
C LEU G 47 -27.46 0.16 17.75
N GLN G 48 -26.68 -0.86 17.43
CA GLN G 48 -26.12 -1.72 18.47
C GLN G 48 -24.70 -1.34 18.83
N PHE G 49 -24.07 -0.51 18.06
CA PHE G 49 -22.71 -0.11 18.31
C PHE G 49 -22.64 1.13 19.19
N PRO G 50 -21.59 1.27 19.98
CA PRO G 50 -21.57 2.33 21.00
C PRO G 50 -21.20 3.67 20.43
N VAL G 51 -22.17 4.58 20.35
CA VAL G 51 -21.91 5.90 19.80
C VAL G 51 -21.00 6.69 20.73
N GLY G 52 -21.18 6.55 22.04
CA GLY G 52 -20.34 7.28 22.96
C GLY G 52 -18.89 6.84 22.92
N ARG G 53 -18.67 5.53 22.83
CA ARG G 53 -17.31 5.04 22.75
C ARG G 53 -16.64 5.48 21.47
N VAL G 54 -17.35 5.43 20.36
CA VAL G 54 -16.78 5.91 19.10
C VAL G 54 -16.47 7.39 19.19
N HIS G 55 -17.34 8.15 19.85
CA HIS G 55 -17.07 9.57 20.03
C HIS G 55 -15.79 9.78 20.80
N ARG G 56 -15.62 9.05 21.90
CA ARG G 56 -14.41 9.20 22.69
C ARG G 56 -13.18 8.81 21.88
N LEU G 57 -13.27 7.73 21.11
CA LEU G 57 -12.13 7.30 20.34
C LEU G 57 -11.76 8.32 19.28
N LEU G 58 -12.76 8.92 18.64
CA LEU G 58 -12.49 9.98 17.69
C LEU G 58 -11.81 11.16 18.37
N ARG G 59 -12.28 11.54 19.55
CA ARG G 59 -11.71 12.69 20.23
C ARG G 59 -10.29 12.42 20.69
N LYS G 60 -10.00 11.18 21.06
CA LYS G 60 -8.71 10.84 21.62
C LYS G 60 -7.73 10.32 20.58
N GLY G 61 -8.16 10.16 19.34
CA GLY G 61 -7.28 9.58 18.34
C GLY G 61 -6.44 10.56 17.56
N ASN G 62 -6.48 11.85 17.89
CA ASN G 62 -5.72 12.87 17.15
C ASN G 62 -6.12 12.90 15.69
N TYR G 63 -7.43 12.98 15.45
CA TYR G 63 -7.95 13.06 14.09
C TYR G 63 -8.28 14.50 13.72
N ALA G 64 -8.91 15.22 14.62
CA ALA G 64 -9.12 16.65 14.46
C ALA G 64 -9.21 17.28 15.83
N GLU G 65 -9.21 18.61 15.86
CA GLU G 65 -9.38 19.31 17.11
C GLU G 65 -10.77 19.08 17.69
N ARG G 66 -11.80 19.14 16.85
CA ARG G 66 -13.17 19.01 17.29
C ARG G 66 -13.89 17.94 16.48
N VAL G 67 -14.89 17.33 17.10
CA VAL G 67 -15.66 16.26 16.49
C VAL G 67 -17.12 16.65 16.51
N GLY G 68 -17.75 16.67 15.34
CA GLY G 68 -19.16 16.98 15.25
C GLY G 68 -20.00 16.00 16.03
N ALA G 69 -21.28 16.33 16.17
CA ALA G 69 -22.16 15.50 16.96
C ALA G 69 -22.66 14.29 16.17
N GLY G 70 -22.84 14.45 14.87
CA GLY G 70 -23.31 13.36 14.05
C GLY G 70 -22.23 12.44 13.53
N ALA G 71 -20.98 12.84 13.63
CA ALA G 71 -19.89 12.02 13.11
C ALA G 71 -19.80 10.67 13.81
N PRO G 72 -19.82 10.56 15.13
CA PRO G 72 -19.80 9.24 15.73
C PRO G 72 -21.02 8.42 15.40
N VAL G 73 -22.18 9.06 15.24
CA VAL G 73 -23.38 8.32 14.87
C VAL G 73 -23.21 7.70 13.49
N TYR G 74 -22.78 8.51 12.52
CA TYR G 74 -22.56 8.01 11.17
C TYR G 74 -21.54 6.90 11.17
N LEU G 75 -20.42 7.10 11.87
CA LEU G 75 -19.36 6.10 11.86
C LEU G 75 -19.79 4.81 12.51
N ALA G 76 -20.51 4.89 13.61
CA ALA G 76 -21.00 3.68 14.26
C ALA G 76 -21.99 2.94 13.39
N ALA G 77 -22.86 3.68 12.70
CA ALA G 77 -23.78 3.03 11.79
C ALA G 77 -23.05 2.29 10.69
N VAL G 78 -22.01 2.93 10.12
CA VAL G 78 -21.25 2.29 9.06
C VAL G 78 -20.57 1.03 9.56
N LEU G 79 -19.94 1.12 10.72
CA LEU G 79 -19.25 -0.05 11.27
C LEU G 79 -20.23 -1.18 11.55
N GLU G 80 -21.39 -0.86 12.11
CA GLU G 80 -22.38 -1.88 12.38
C GLU G 80 -22.86 -2.54 11.10
N TYR G 81 -23.08 -1.74 10.05
CA TYR G 81 -23.51 -2.32 8.78
C TYR G 81 -22.46 -3.27 8.23
N LEU G 82 -21.19 -2.87 8.30
CA LEU G 82 -20.13 -3.71 7.74
C LEU G 82 -20.02 -5.03 8.49
N THR G 83 -20.05 -4.97 9.83
CA THR G 83 -19.99 -6.22 10.57
C THR G 83 -21.22 -7.07 10.34
N ALA G 84 -22.38 -6.44 10.15
CA ALA G 84 -23.57 -7.23 9.84
C ALA G 84 -23.39 -7.98 8.53
N GLU G 85 -22.89 -7.31 7.50
CA GLU G 85 -22.64 -7.98 6.24
C GLU G 85 -21.69 -9.16 6.42
N ILE G 86 -20.55 -8.91 7.06
CA ILE G 86 -19.56 -9.97 7.21
C ILE G 86 -20.13 -11.13 8.00
N LEU G 87 -20.83 -10.83 9.10
CA LEU G 87 -21.35 -11.89 9.95
C LEU G 87 -22.45 -12.67 9.26
N GLU G 88 -23.25 -12.02 8.45
CA GLU G 88 -24.27 -12.75 7.69
C GLU G 88 -23.62 -13.73 6.74
N LEU G 89 -22.66 -13.27 5.96
CA LEU G 89 -22.00 -14.16 5.01
C LEU G 89 -21.28 -15.29 5.73
N ALA G 90 -20.67 -14.99 6.88
CA ALA G 90 -19.94 -16.02 7.60
C ALA G 90 -20.89 -17.03 8.23
N GLY G 91 -22.04 -16.58 8.72
CA GLY G 91 -23.02 -17.51 9.25
C GLY G 91 -23.56 -18.42 8.17
N ASN G 92 -23.79 -17.88 6.98
CA ASN G 92 -24.19 -18.71 5.87
C ASN G 92 -23.11 -19.74 5.54
N ALA G 93 -21.85 -19.30 5.51
CA ALA G 93 -20.77 -20.22 5.21
C ALA G 93 -20.68 -21.33 6.25
N ALA G 94 -20.93 -20.99 7.51
CA ALA G 94 -20.87 -22.01 8.56
C ALA G 94 -22.05 -22.96 8.43
N ARG G 95 -23.23 -22.44 8.13
CA ARG G 95 -24.40 -23.30 7.97
C ARG G 95 -24.19 -24.26 6.81
N ASP G 96 -23.60 -23.80 5.72
CA ASP G 96 -23.33 -24.69 4.60
C ASP G 96 -22.29 -25.74 4.94
N ASN G 97 -21.58 -25.61 6.05
CA ASN G 97 -20.67 -26.64 6.52
C ASN G 97 -21.28 -27.47 7.63
N LYS G 98 -22.58 -27.32 7.87
CA LYS G 98 -23.28 -28.06 8.91
C LYS G 98 -22.65 -27.80 10.28
N LYS G 99 -22.40 -26.53 10.57
CA LYS G 99 -21.84 -26.13 11.89
C LYS G 99 -22.63 -24.94 12.42
N THR G 100 -22.60 -24.70 13.74
CA THR G 100 -23.40 -23.60 14.34
C THR G 100 -22.47 -22.58 15.01
N ARG G 101 -21.15 -22.74 14.84
CA ARG G 101 -20.23 -21.74 15.38
C ARG G 101 -19.38 -21.21 14.24
N ILE G 102 -19.26 -19.90 14.17
CA ILE G 102 -18.43 -19.27 13.17
C ILE G 102 -16.98 -19.38 13.59
N ILE G 103 -16.11 -19.73 12.65
CA ILE G 103 -14.69 -19.84 12.93
C ILE G 103 -13.91 -19.05 11.89
N PRO G 104 -12.63 -18.77 12.12
CA PRO G 104 -11.84 -18.03 11.14
C PRO G 104 -11.93 -18.59 9.74
N ARG G 105 -12.07 -19.90 9.59
CA ARG G 105 -12.27 -20.46 8.26
C ARG G 105 -13.52 -19.91 7.62
N HIS G 106 -14.60 -19.79 8.39
CA HIS G 106 -15.84 -19.29 7.83
C HIS G 106 -15.74 -17.81 7.52
N LEU G 107 -15.04 -17.05 8.36
CA LEU G 107 -14.82 -15.65 8.05
C LEU G 107 -14.05 -15.50 6.74
N GLN G 108 -13.01 -16.31 6.57
CA GLN G 108 -12.23 -16.24 5.34
C GLN G 108 -13.07 -16.63 4.13
N LEU G 109 -13.87 -17.68 4.25
CA LEU G 109 -14.72 -18.09 3.15
C LEU G 109 -15.72 -17.00 2.80
N ALA G 110 -16.28 -16.34 3.81
CA ALA G 110 -17.24 -15.29 3.55
C ALA G 110 -16.59 -14.10 2.86
N ILE G 111 -15.38 -13.74 3.29
CA ILE G 111 -14.74 -12.56 2.74
C ILE G 111 -14.27 -12.82 1.32
N ARG G 112 -13.54 -13.91 1.12
CA ARG G 112 -12.96 -14.13 -0.19
C ARG G 112 -13.97 -14.50 -1.26
N ASN G 113 -15.23 -14.69 -0.90
CA ASN G 113 -16.25 -15.02 -1.88
C ASN G 113 -17.18 -13.85 -2.20
N ASP G 114 -17.02 -12.71 -1.55
CA ASP G 114 -17.73 -11.49 -1.89
C ASP G 114 -16.74 -10.50 -2.48
N GLU G 115 -16.99 -10.09 -3.71
CA GLU G 115 -16.01 -9.25 -4.40
C GLU G 115 -15.83 -7.91 -3.70
N GLU G 116 -16.90 -7.37 -3.14
CA GLU G 116 -16.79 -6.10 -2.43
C GLU G 116 -15.92 -6.25 -1.19
N LEU G 117 -16.25 -7.20 -0.34
CA LEU G 117 -15.44 -7.43 0.85
C LEU G 117 -14.05 -7.92 0.50
N ASN G 118 -13.93 -8.71 -0.55
CA ASN G 118 -12.62 -9.18 -0.95
C ASN G 118 -11.74 -8.02 -1.39
N LYS G 119 -12.34 -7.01 -1.99
CA LYS G 119 -11.58 -5.83 -2.39
C LYS G 119 -11.30 -4.93 -1.21
N LEU G 120 -12.24 -4.82 -0.28
CA LEU G 120 -12.01 -4.01 0.92
C LEU G 120 -10.87 -4.59 1.74
N LEU G 121 -10.95 -5.87 2.06
CA LEU G 121 -9.90 -6.56 2.81
C LEU G 121 -8.92 -7.25 1.88
N GLY G 122 -8.41 -6.49 0.90
CA GLY G 122 -7.46 -7.07 -0.08
C GLY G 122 -6.14 -7.43 0.56
N ARG G 123 -5.55 -6.52 1.34
CA ARG G 123 -4.21 -6.77 1.95
C ARG G 123 -4.38 -7.23 3.40
N VAL G 124 -5.39 -8.05 3.68
CA VAL G 124 -5.62 -8.53 5.03
C VAL G 124 -5.39 -10.03 5.06
N THR G 125 -4.62 -10.50 6.03
CA THR G 125 -4.44 -11.91 6.29
C THR G 125 -5.26 -12.30 7.51
N ILE G 126 -6.03 -13.37 7.38
CA ILE G 126 -6.83 -13.88 8.48
C ILE G 126 -6.13 -15.09 9.04
N ALA G 127 -5.77 -15.03 10.32
CA ALA G 127 -5.11 -16.16 10.96
C ALA G 127 -6.04 -17.36 11.03
N GLN G 128 -5.50 -18.53 10.71
CA GLN G 128 -6.27 -19.76 10.72
C GLN G 128 -7.43 -19.71 9.74
N GLY G 129 -7.25 -19.03 8.62
CA GLY G 129 -8.31 -18.91 7.66
C GLY G 129 -8.15 -19.81 6.46
N GLY G 130 -6.94 -20.30 6.22
CA GLY G 130 -6.73 -21.13 5.07
C GLY G 130 -6.85 -20.33 3.78
N VAL G 131 -7.14 -21.06 2.70
CA VAL G 131 -7.29 -20.47 1.38
C VAL G 131 -8.60 -20.95 0.80
N LEU G 132 -8.96 -20.38 -0.32
CA LEU G 132 -10.12 -20.86 -1.04
C LEU G 132 -9.79 -22.15 -1.79
N PRO G 133 -10.68 -23.11 -1.78
CA PRO G 133 -10.41 -24.35 -2.52
C PRO G 133 -10.47 -24.12 -4.02
N ASN G 134 -9.37 -23.64 -4.59
CA ASN G 134 -9.29 -23.27 -5.99
C ASN G 134 -8.14 -24.01 -6.64
N ILE G 135 -8.46 -24.95 -7.53
CA ILE G 135 -7.47 -25.65 -8.34
C ILE G 135 -7.63 -25.21 -9.78
N GLN G 136 -6.52 -25.09 -10.49
CA GLN G 136 -6.57 -24.68 -11.87
C GLN G 136 -7.25 -25.75 -12.73
N ALA G 137 -7.85 -25.32 -13.82
CA ALA G 137 -8.63 -26.23 -14.66
C ALA G 137 -7.74 -27.21 -15.40
N VAL G 138 -6.55 -26.78 -15.84
CA VAL G 138 -5.64 -27.69 -16.51
C VAL G 138 -5.17 -28.82 -15.62
N LEU G 139 -5.47 -28.76 -14.33
CA LEU G 139 -5.09 -29.82 -13.40
C LEU G 139 -6.07 -30.99 -13.48
N LEU G 140 -7.33 -30.74 -13.15
CA LEU G 140 -8.32 -31.81 -13.08
C LEU G 140 -8.52 -32.42 -14.45
N PRO G 141 -8.17 -33.71 -14.64
CA PRO G 141 -8.37 -34.36 -15.94
C PRO G 141 -9.81 -34.79 -16.16
N ARG H 34 -10.92 -4.12 32.06
CA ARG H 34 -10.03 -2.99 31.92
C ARG H 34 -9.62 -2.79 30.48
N LYS H 35 -9.85 -3.81 29.66
CA LYS H 35 -9.54 -3.78 28.23
C LYS H 35 -10.84 -3.79 27.46
N GLU H 36 -11.19 -2.65 26.85
CA GLU H 36 -12.47 -2.53 26.12
C GLU H 36 -12.43 -3.29 24.80
N SER H 37 -13.51 -4.00 24.47
CA SER H 37 -13.58 -4.74 23.19
C SER H 37 -14.99 -4.60 22.60
N TYR H 38 -15.12 -4.67 21.28
CA TYR H 38 -16.44 -4.56 20.61
C TYR H 38 -17.13 -5.93 20.63
N SER H 39 -16.68 -6.84 21.50
CA SER H 39 -17.21 -8.20 21.50
C SER H 39 -18.71 -8.20 21.78
N VAL H 40 -19.17 -7.40 22.72
CA VAL H 40 -20.59 -7.43 23.06
C VAL H 40 -21.42 -6.90 21.90
N TYR H 41 -20.93 -5.90 21.17
CA TYR H 41 -21.70 -5.35 20.08
C TYR H 41 -21.68 -6.27 18.87
N VAL H 42 -20.53 -6.87 18.57
CA VAL H 42 -20.48 -7.86 17.52
C VAL H 42 -21.41 -9.01 17.83
N TYR H 43 -21.51 -9.38 19.10
CA TYR H 43 -22.39 -10.49 19.46
C TYR H 43 -23.85 -10.09 19.32
N LYS H 44 -24.20 -8.86 19.68
CA LYS H 44 -25.56 -8.40 19.45
C LYS H 44 -25.92 -8.43 17.98
N VAL H 45 -25.01 -7.96 17.12
CA VAL H 45 -25.30 -7.96 15.69
C VAL H 45 -25.42 -9.37 15.17
N LEU H 46 -24.59 -10.28 15.68
CA LEU H 46 -24.69 -11.67 15.28
C LEU H 46 -26.02 -12.25 15.68
N LYS H 47 -26.52 -11.91 16.87
CA LYS H 47 -27.81 -12.41 17.29
C LYS H 47 -28.92 -11.84 16.42
N GLN H 48 -28.75 -10.61 15.95
CA GLN H 48 -29.76 -10.05 15.06
C GLN H 48 -29.77 -10.75 13.71
N VAL H 49 -28.61 -11.09 13.19
CA VAL H 49 -28.56 -11.56 11.80
C VAL H 49 -28.71 -13.08 11.70
N HIS H 50 -28.24 -13.83 12.69
CA HIS H 50 -28.37 -15.28 12.72
C HIS H 50 -28.72 -15.66 14.15
N PRO H 51 -30.01 -15.65 14.51
CA PRO H 51 -30.37 -15.68 15.93
C PRO H 51 -29.96 -16.94 16.66
N ASP H 52 -29.48 -17.97 15.96
CA ASP H 52 -29.13 -19.21 16.64
C ASP H 52 -27.74 -19.68 16.29
N THR H 53 -26.85 -18.76 15.93
CA THR H 53 -25.47 -19.09 15.61
C THR H 53 -24.56 -18.51 16.68
N GLY H 54 -23.47 -19.23 16.97
CA GLY H 54 -22.46 -18.76 17.88
C GLY H 54 -21.19 -18.41 17.13
N ILE H 55 -20.24 -17.86 17.87
CA ILE H 55 -18.99 -17.41 17.29
C ILE H 55 -17.85 -17.80 18.23
N SER H 56 -16.78 -18.32 17.65
CA SER H 56 -15.65 -18.73 18.45
C SER H 56 -14.91 -17.52 18.99
N SER H 57 -14.02 -17.78 19.94
CA SER H 57 -13.26 -16.68 20.52
C SER H 57 -12.25 -16.12 19.53
N LYS H 58 -11.61 -16.99 18.76
CA LYS H 58 -10.70 -16.52 17.73
C LYS H 58 -11.44 -15.73 16.66
N ALA H 59 -12.61 -16.19 16.27
CA ALA H 59 -13.39 -15.45 15.30
C ALA H 59 -13.83 -14.11 15.87
N MET H 60 -14.14 -14.06 17.15
CA MET H 60 -14.49 -12.77 17.75
C MET H 60 -13.29 -11.84 17.77
N GLY H 61 -12.10 -12.38 18.02
CA GLY H 61 -10.91 -11.57 17.95
C GLY H 61 -10.66 -11.02 16.55
N ILE H 62 -10.92 -11.84 15.55
CA ILE H 62 -10.80 -11.37 14.17
C ILE H 62 -11.80 -10.27 13.88
N MET H 63 -13.04 -10.45 14.39
CA MET H 63 -14.08 -9.41 14.18
C MET H 63 -13.63 -8.11 14.86
N ASN H 64 -13.01 -8.21 16.03
CA ASN H 64 -12.51 -7.00 16.75
C ASN H 64 -11.42 -6.34 15.91
N SER H 65 -10.47 -7.13 15.38
CA SER H 65 -9.43 -6.58 14.53
C SER H 65 -10.04 -5.87 13.34
N PHE H 66 -11.06 -6.47 12.75
CA PHE H 66 -11.68 -5.89 11.56
C PHE H 66 -12.33 -4.55 11.88
N VAL H 67 -13.08 -4.50 12.97
CA VAL H 67 -13.74 -3.24 13.33
C VAL H 67 -12.72 -2.16 13.60
N ASN H 68 -11.66 -2.50 14.34
CA ASN H 68 -10.63 -1.50 14.61
C ASN H 68 -9.97 -1.01 13.34
N ASP H 69 -9.69 -1.94 12.43
CA ASP H 69 -9.03 -1.58 11.18
C ASP H 69 -9.89 -0.64 10.36
N ILE H 70 -11.17 -0.95 10.22
CA ILE H 70 -12.04 -0.11 9.41
C ILE H 70 -12.27 1.23 10.07
N PHE H 71 -12.42 1.24 11.39
CA PHE H 71 -12.52 2.50 12.10
C PHE H 71 -11.32 3.38 11.82
N GLU H 72 -10.12 2.81 11.95
CA GLU H 72 -8.91 3.59 11.75
C GLU H 72 -8.83 4.12 10.32
N ARG H 73 -9.18 3.28 9.34
CA ARG H 73 -9.17 3.74 7.95
C ARG H 73 -10.08 4.94 7.77
N ILE H 74 -11.34 4.80 8.20
CA ILE H 74 -12.31 5.86 7.95
C ILE H 74 -11.93 7.12 8.71
N ALA H 75 -11.50 6.98 9.95
CA ALA H 75 -11.15 8.16 10.73
C ALA H 75 -9.92 8.86 10.16
N GLY H 76 -8.93 8.10 9.70
CA GLY H 76 -7.78 8.73 9.10
C GLY H 76 -8.12 9.46 7.83
N GLU H 77 -9.00 8.88 7.02
CA GLU H 77 -9.39 9.57 5.79
C GLU H 77 -10.20 10.82 6.10
N ALA H 78 -11.10 10.76 7.07
CA ALA H 78 -11.86 11.94 7.43
C ALA H 78 -10.96 13.03 7.97
N SER H 79 -9.96 12.66 8.77
CA SER H 79 -8.99 13.62 9.25
C SER H 79 -8.25 14.28 8.10
N ARG H 80 -7.82 13.49 7.12
CA ARG H 80 -7.13 14.06 5.98
C ARG H 80 -8.02 15.01 5.20
N LEU H 81 -9.30 14.68 5.08
CA LEU H 81 -10.23 15.55 4.38
C LEU H 81 -10.37 16.89 5.09
N ALA H 82 -10.65 16.84 6.40
CA ALA H 82 -10.76 18.07 7.17
C ALA H 82 -9.50 18.90 7.03
N HIS H 83 -8.33 18.27 7.07
CA HIS H 83 -7.10 19.04 6.94
C HIS H 83 -6.93 19.62 5.55
N TYR H 84 -7.40 18.92 4.52
CA TYR H 84 -7.32 19.46 3.17
C TYR H 84 -8.18 20.70 3.03
N ASN H 85 -9.37 20.69 3.62
CA ASN H 85 -10.26 21.84 3.48
C ASN H 85 -10.06 22.88 4.56
N LYS H 86 -8.94 22.84 5.28
CA LYS H 86 -8.65 23.83 6.32
C LYS H 86 -9.74 23.88 7.38
N ARG H 87 -10.43 22.79 7.59
CA ARG H 87 -11.41 22.72 8.67
C ARG H 87 -10.76 22.11 9.89
N SER H 88 -11.37 22.38 11.03
CA SER H 88 -10.89 21.83 12.29
C SER H 88 -11.86 20.86 12.91
N THR H 89 -12.97 20.58 12.24
CA THR H 89 -14.01 19.70 12.77
C THR H 89 -14.20 18.52 11.83
N ILE H 90 -14.33 17.34 12.41
CA ILE H 90 -14.72 16.16 11.66
C ILE H 90 -16.22 16.00 11.84
N THR H 91 -16.98 16.28 10.80
CA THR H 91 -18.42 16.21 10.85
C THR H 91 -18.91 14.97 10.13
N SER H 92 -20.21 14.74 10.21
CA SER H 92 -20.79 13.62 9.48
C SER H 92 -20.63 13.76 7.98
N ARG H 93 -20.23 14.93 7.49
CA ARG H 93 -19.97 15.08 6.07
C ARG H 93 -18.62 14.50 5.68
N GLU H 94 -17.62 14.60 6.56
CA GLU H 94 -16.34 13.96 6.27
C GLU H 94 -16.46 12.45 6.36
N ILE H 95 -17.20 11.95 7.33
CA ILE H 95 -17.37 10.52 7.46
C ILE H 95 -18.01 9.95 6.20
N GLN H 96 -18.99 10.67 5.65
CA GLN H 96 -19.66 10.18 4.46
C GLN H 96 -18.70 10.16 3.28
N THR H 97 -17.96 11.24 3.09
CA THR H 97 -17.01 11.28 1.99
C THR H 97 -15.93 10.23 2.15
N ALA H 98 -15.44 10.04 3.37
CA ALA H 98 -14.44 9.00 3.60
C ALA H 98 -15.00 7.63 3.29
N VAL H 99 -16.26 7.39 3.65
CA VAL H 99 -16.89 6.12 3.33
C VAL H 99 -16.97 5.94 1.82
N ARG H 100 -17.25 7.02 1.10
CA ARG H 100 -17.32 6.92 -0.34
C ARG H 100 -15.98 6.62 -0.97
N LEU H 101 -14.89 7.06 -0.35
CA LEU H 101 -13.55 6.86 -0.91
C LEU H 101 -13.05 5.45 -0.61
N LEU H 102 -13.35 4.95 0.59
CA LEU H 102 -12.72 3.71 1.03
C LEU H 102 -13.47 2.49 0.52
N LEU H 103 -14.80 2.50 0.61
CA LEU H 103 -15.55 1.29 0.32
C LEU H 103 -15.83 1.16 -1.17
N PRO H 104 -15.73 -0.06 -1.71
CA PRO H 104 -16.14 -0.27 -3.09
C PRO H 104 -17.62 -0.03 -3.30
N GLY H 105 -18.02 0.09 -4.56
CA GLY H 105 -19.22 0.84 -4.91
C GLY H 105 -20.47 0.42 -4.18
N GLU H 106 -20.89 -0.83 -4.34
CA GLU H 106 -22.16 -1.25 -3.77
C GLU H 106 -22.11 -1.22 -2.25
N LEU H 107 -20.97 -1.57 -1.69
CA LEU H 107 -20.79 -1.47 -0.25
C LEU H 107 -20.99 -0.03 0.22
N ALA H 108 -20.39 0.92 -0.49
CA ALA H 108 -20.47 2.31 -0.10
C ALA H 108 -21.88 2.85 -0.21
N LYS H 109 -22.63 2.41 -1.21
CA LYS H 109 -24.00 2.88 -1.34
C LYS H 109 -24.82 2.56 -0.11
N HIS H 110 -24.83 1.29 0.29
CA HIS H 110 -25.59 0.91 1.46
C HIS H 110 -24.99 1.46 2.74
N ALA H 111 -23.67 1.64 2.77
CA ALA H 111 -23.06 2.23 3.96
C ALA H 111 -23.54 3.66 4.17
N VAL H 112 -23.56 4.46 3.11
CA VAL H 112 -24.03 5.83 3.29
C VAL H 112 -25.53 5.84 3.52
N SER H 113 -26.26 4.88 2.97
CA SER H 113 -27.67 4.77 3.31
C SER H 113 -27.86 4.60 4.81
N GLU H 114 -27.17 3.61 5.39
CA GLU H 114 -27.28 3.37 6.81
C GLU H 114 -26.85 4.57 7.62
N GLY H 115 -25.79 5.25 7.18
CA GLY H 115 -25.28 6.38 7.95
C GLY H 115 -26.24 7.55 7.98
N THR H 116 -26.74 7.95 6.80
CA THR H 116 -27.70 9.04 6.77
C THR H 116 -28.98 8.66 7.49
N LYS H 117 -29.42 7.41 7.37
CA LYS H 117 -30.60 6.98 8.10
C LYS H 117 -30.40 7.14 9.59
N ALA H 118 -29.23 6.71 10.10
CA ALA H 118 -28.97 6.81 11.52
C ALA H 118 -28.91 8.25 11.98
N VAL H 119 -28.25 9.13 11.21
CA VAL H 119 -28.15 10.50 11.70
C VAL H 119 -29.51 11.19 11.65
N THR H 120 -30.36 10.85 10.68
CA THR H 120 -31.71 11.41 10.70
C THR H 120 -32.47 10.94 11.93
N LYS H 121 -32.45 9.63 12.17
CA LYS H 121 -33.15 9.11 13.33
C LYS H 121 -32.59 9.68 14.63
N TYR H 122 -31.32 10.07 14.63
CA TYR H 122 -30.71 10.60 15.86
C TYR H 122 -31.06 12.06 16.06
N THR H 123 -31.00 12.86 15.01
CA THR H 123 -31.39 14.26 15.12
C THR H 123 -32.88 14.43 15.29
N SER H 124 -33.68 13.41 14.98
CA SER H 124 -35.12 13.47 15.20
C SER H 124 -35.49 13.20 16.64
N SER H 125 -34.57 13.39 17.58
CA SER H 125 -34.85 13.17 18.99
C SER H 125 -34.21 14.24 19.86
N SER K 515 -29.03 -13.95 -7.90
CA SER K 515 -27.80 -14.57 -7.41
C SER K 515 -27.86 -14.75 -5.91
N THR K 516 -27.08 -13.95 -5.17
CA THR K 516 -27.06 -14.02 -3.71
C THR K 516 -27.33 -12.63 -3.16
N VAL K 517 -28.46 -12.47 -2.48
CA VAL K 517 -28.83 -11.12 -1.94
C VAL K 517 -28.79 -11.16 -0.41
N THR K 518 -28.23 -10.11 0.21
CA THR K 518 -28.14 -10.02 1.69
C THR K 518 -29.43 -9.42 2.26
N LYS K 519 -29.50 -9.15 3.57
CA LYS K 519 -30.68 -8.50 4.18
C LYS K 519 -31.00 -7.25 3.37
N SER K 520 -29.98 -6.41 3.11
CA SER K 520 -30.18 -5.23 2.24
C SER K 520 -30.15 -5.71 0.79
N ARG K 521 -30.71 -4.92 -0.14
CA ARG K 521 -30.77 -5.35 -1.54
C ARG K 521 -29.40 -5.20 -2.19
N ARG K 522 -28.41 -5.83 -1.57
CA ARG K 522 -27.03 -5.81 -2.04
C ARG K 522 -26.71 -7.19 -2.59
N ILE K 523 -26.66 -7.30 -3.91
CA ILE K 523 -26.22 -8.53 -4.55
C ILE K 523 -24.74 -8.70 -4.28
N SER K 524 -24.39 -9.74 -3.52
CA SER K 524 -22.97 -10.01 -3.20
C SER K 524 -22.38 -10.98 -4.24
N ARG K 525 -22.09 -10.47 -5.44
CA ARG K 525 -21.51 -11.31 -6.52
C ARG K 525 -20.14 -11.83 -6.08
N ARG K 526 -19.72 -12.99 -6.58
CA ARG K 526 -18.42 -13.52 -6.22
C ARG K 526 -17.36 -12.99 -7.18
N PRO K 527 -16.12 -12.84 -6.70
CA PRO K 527 -15.10 -12.20 -7.53
C PRO K 527 -14.66 -13.08 -8.68
N SER K 528 -15.43 -13.07 -9.76
CA SER K 528 -15.15 -14.00 -10.85
C SER K 528 -13.84 -13.68 -11.54
N ASP K 529 -13.74 -12.48 -12.14
CA ASP K 529 -12.61 -12.18 -13.00
C ASP K 529 -12.60 -10.69 -13.26
N TRP K 530 -11.44 -10.06 -13.12
CA TRP K 530 -11.35 -8.62 -13.26
C TRP K 530 -10.16 -8.20 -14.11
N TRP K 531 -9.19 -9.09 -14.28
CA TRP K 531 -8.00 -8.74 -15.04
C TRP K 531 -8.29 -8.64 -16.53
N VAL K 532 -9.37 -9.29 -16.96
CA VAL K 532 -9.72 -9.30 -18.42
C VAL K 532 -10.62 -8.08 -18.70
N VAL K 533 -10.34 -7.36 -19.79
CA VAL K 533 -11.16 -6.16 -20.14
C VAL K 533 -12.50 -6.62 -20.74
N LYS K 534 -13.54 -5.80 -20.61
CA LYS K 534 -14.86 -6.15 -21.11
C LYS K 534 -15.15 -5.45 -22.44
N SER K 535 -16.27 -5.82 -23.03
CA SER K 535 -16.70 -5.20 -24.29
C SER K 535 -18.21 -5.22 -24.42
N THR L 514 29.79 2.07 -12.14
CA THR L 514 29.16 1.16 -11.19
C THR L 514 28.84 1.83 -9.86
N SER L 515 29.08 1.12 -8.76
CA SER L 515 28.85 1.66 -7.43
C SER L 515 29.58 2.98 -7.25
N THR L 516 28.91 3.95 -6.62
CA THR L 516 29.41 5.31 -6.49
C THR L 516 29.27 5.77 -5.06
N VAL L 517 30.40 6.17 -4.45
CA VAL L 517 30.34 6.75 -3.11
C VAL L 517 29.84 8.18 -3.23
N THR L 518 28.89 8.55 -2.36
CA THR L 518 28.30 9.88 -2.38
C THR L 518 29.23 10.85 -1.65
N LYS L 519 28.79 12.07 -1.42
CA LYS L 519 29.59 13.03 -0.66
C LYS L 519 29.37 12.75 0.84
N SER L 520 29.56 11.49 1.20
CA SER L 520 29.48 10.98 2.56
C SER L 520 29.89 9.52 2.48
N ARG L 521 29.98 8.89 3.63
CA ARG L 521 30.41 7.50 3.54
C ARG L 521 29.30 6.56 3.08
N ARG L 522 28.24 7.12 2.51
CA ARG L 522 27.08 6.33 2.08
C ARG L 522 27.34 5.85 0.66
N ILE L 523 27.71 4.59 0.52
CA ILE L 523 28.02 4.05 -0.80
C ILE L 523 26.71 3.70 -1.49
N SER L 524 26.49 4.28 -2.67
CA SER L 524 25.20 4.23 -3.35
C SER L 524 25.28 3.28 -4.53
N ARG L 525 24.88 2.04 -4.31
CA ARG L 525 24.90 1.03 -5.36
C ARG L 525 23.69 1.17 -6.27
N ARG L 526 23.81 0.64 -7.48
CA ARG L 526 22.70 0.62 -8.40
C ARG L 526 21.79 -0.57 -8.10
N PRO L 527 20.49 -0.46 -8.41
CA PRO L 527 19.59 -1.57 -8.11
C PRO L 527 19.93 -2.79 -8.95
N SER L 528 19.73 -3.96 -8.36
CA SER L 528 20.02 -5.21 -9.05
C SER L 528 18.83 -6.16 -9.01
N ASP L 529 19.05 -7.41 -9.41
CA ASP L 529 17.97 -8.40 -9.42
C ASP L 529 17.68 -8.86 -7.98
N TRP L 530 17.04 -7.97 -7.22
CA TRP L 530 16.65 -8.31 -5.87
C TRP L 530 15.68 -9.48 -5.83
N TRP L 531 15.04 -9.80 -6.95
CA TRP L 531 14.07 -10.89 -7.01
C TRP L 531 14.72 -12.26 -7.07
N VAL L 532 16.03 -12.35 -7.20
CA VAL L 532 16.73 -13.63 -7.25
C VAL L 532 17.30 -13.94 -5.87
N VAL L 533 17.08 -15.17 -5.42
CA VAL L 533 17.63 -15.58 -4.13
C VAL L 533 19.13 -15.78 -4.26
N LYS L 534 19.89 -15.04 -3.47
CA LYS L 534 21.33 -15.15 -3.46
C LYS L 534 21.80 -15.91 -2.22
N SER L 535 22.88 -16.66 -2.37
CA SER L 535 23.42 -17.45 -1.27
C SER L 535 23.95 -16.56 -0.16
#